data_7DEO
#
_entry.id   7DEO
#
_cell.length_a   156.080
_cell.length_b   160.609
_cell.length_c   42.239
_cell.angle_alpha   90.000
_cell.angle_beta   90.000
_cell.angle_gamma   90.000
#
_symmetry.space_group_name_H-M   'P 21 21 2'
#
loop_
_entity.id
_entity.type
_entity.pdbx_description
1 polymer 'antibody scFv'
2 polymer 'Spike protein S1'
3 non-polymer 'CALCIUM ION'
4 non-polymer 2-acetamido-2-deoxy-beta-D-glucopyranose
5 water water
#
loop_
_entity_poly.entity_id
_entity_poly.type
_entity_poly.pdbx_seq_one_letter_code
_entity_poly.pdbx_strand_id
1 'polypeptide(L)'
;GSEVQLVESGGGVVQPGRSLRLSCAASGFTFSYYGMHWVRQAPGKGLEWVAVIWYDGSNRFYADSVKGRFTISRDNSKST
LYLQMNSLRAEDTAVYYCATDPPGLRFRFDYWGQGTLVTVSSGGGGSGGGGSGGGGSDIVMTQSPLSLPVTPGEPASISC
RSSQSLLHSNGYNYLDWYLQKPGQSPQLLIYLGSNRASGVPDRFSGSGSGTDFTLKISRVEAEDVGVYYCMQGLQTPLTF
GGGTKVEIKGGGSHHHHHH
;
A,C
2 'polypeptide(L)'
;NLCPFGEVFNATRFASVYAWNRKRISNCVADYSVLYNSASFSTFKCYGVSPTKLNDLCFTNVYADSFVIRGDEVRQIAPG
QTGKIADYNYKLPDDFTGCVIAWNSNNLDSKVGGNYNYLYRLFRKSNLKPFERDISTEIYQAGSTPCNGVEGFNCYFPLQ
SYGFQPTNGVGYQPYRVVVLSFELLHAPATVCGPKKSAAAHHHHHH
;
B,D
#
loop_
_chem_comp.id
_chem_comp.type
_chem_comp.name
_chem_comp.formula
CA non-polymer 'CALCIUM ION' 'Ca 2'
NAG D-saccharide, beta linking 2-acetamido-2-deoxy-beta-D-glucopyranose 'C8 H15 N O6'
#
# COMPACT_ATOMS: atom_id res chain seq x y z
N GLY A 1 -24.91 -4.21 -3.99
CA GLY A 1 -24.33 -5.43 -3.41
C GLY A 1 -25.35 -6.55 -3.22
N SER A 2 -26.50 -6.21 -2.64
CA SER A 2 -27.56 -7.17 -2.42
C SER A 2 -28.26 -7.58 -3.70
N GLU A 3 -28.19 -6.75 -4.74
CA GLU A 3 -28.92 -6.96 -5.98
C GLU A 3 -28.16 -7.81 -6.99
N VAL A 4 -26.95 -8.27 -6.64
CA VAL A 4 -26.21 -9.13 -7.54
C VAL A 4 -26.94 -10.46 -7.65
N GLN A 5 -27.20 -10.90 -8.89
CA GLN A 5 -27.90 -12.14 -9.16
C GLN A 5 -27.15 -12.97 -10.20
N LEU A 6 -26.88 -14.22 -9.87
CA LEU A 6 -26.27 -15.18 -10.78
C LEU A 6 -27.17 -16.40 -10.83
N VAL A 7 -27.60 -16.78 -12.03
CA VAL A 7 -28.60 -17.82 -12.20
C VAL A 7 -28.09 -18.81 -13.23
N GLU A 8 -27.61 -19.96 -12.75
CA GLU A 8 -27.17 -21.09 -13.54
C GLU A 8 -28.36 -21.86 -14.13
N SER A 9 -28.15 -22.38 -15.35
CA SER A 9 -29.11 -23.28 -15.98
C SER A 9 -28.31 -24.31 -16.79
N GLY A 10 -29.03 -25.21 -17.46
CA GLY A 10 -28.38 -26.17 -18.31
C GLY A 10 -28.10 -27.52 -17.65
N GLY A 11 -28.16 -27.60 -16.33
CA GLY A 11 -27.95 -28.88 -15.69
C GLY A 11 -29.02 -29.91 -16.06
N GLY A 12 -28.65 -31.17 -15.93
CA GLY A 12 -29.58 -32.25 -16.14
C GLY A 12 -28.89 -33.59 -15.94
N VAL A 13 -29.61 -34.66 -16.27
CA VAL A 13 -29.08 -36.01 -16.22
C VAL A 13 -28.62 -36.40 -17.62
N VAL A 14 -27.34 -36.76 -17.78
CA VAL A 14 -26.83 -37.15 -19.08
C VAL A 14 -25.99 -38.41 -18.94
N GLN A 15 -25.79 -39.10 -20.07
CA GLN A 15 -24.99 -40.31 -20.13
C GLN A 15 -23.51 -39.96 -20.14
N PRO A 16 -22.65 -40.86 -19.67
CA PRO A 16 -21.20 -40.63 -19.81
C PRO A 16 -20.82 -40.47 -21.28
N GLY A 17 -19.88 -39.55 -21.55
CA GLY A 17 -19.46 -39.25 -22.90
C GLY A 17 -20.27 -38.18 -23.60
N ARG A 18 -21.44 -37.82 -23.10
CA ARG A 18 -22.22 -36.80 -23.78
C ARG A 18 -21.70 -35.40 -23.43
N SER A 19 -22.33 -34.40 -24.04
CA SER A 19 -21.95 -33.01 -23.86
C SER A 19 -23.08 -32.24 -23.20
N LEU A 20 -22.73 -31.18 -22.50
CA LEU A 20 -23.71 -30.34 -21.83
C LEU A 20 -23.14 -28.93 -21.81
N ARG A 21 -24.00 -27.94 -21.97
CA ARG A 21 -23.57 -26.55 -21.91
C ARG A 21 -24.28 -25.87 -20.75
N LEU A 22 -23.50 -25.38 -19.78
CA LEU A 22 -24.07 -24.61 -18.69
C LEU A 22 -24.10 -23.14 -19.02
N SER A 23 -25.13 -22.46 -18.54
CA SER A 23 -25.25 -21.02 -18.65
C SER A 23 -25.38 -20.41 -17.26
N CYS A 24 -24.95 -19.15 -17.15
CA CYS A 24 -25.08 -18.37 -15.92
C CYS A 24 -25.42 -16.95 -16.36
N ALA A 25 -26.67 -16.54 -16.10
CA ALA A 25 -27.15 -15.21 -16.43
C ALA A 25 -26.91 -14.28 -15.25
N ALA A 26 -26.11 -13.26 -15.45
CA ALA A 26 -25.74 -12.35 -14.38
C ALA A 26 -26.47 -11.02 -14.54
N SER A 27 -27.00 -10.49 -13.44
CA SER A 27 -27.57 -9.15 -13.45
C SER A 27 -27.15 -8.43 -12.18
N GLY A 28 -27.26 -7.10 -12.21
CA GLY A 28 -27.08 -6.29 -11.01
C GLY A 28 -25.73 -5.66 -10.84
N PHE A 29 -24.79 -5.94 -11.73
CA PHE A 29 -23.45 -5.38 -11.66
C PHE A 29 -22.87 -5.30 -13.06
N THR A 30 -21.80 -4.53 -13.21
CA THR A 30 -21.10 -4.44 -14.48
C THR A 30 -20.38 -5.75 -14.75
N PHE A 31 -21.04 -6.64 -15.49
CA PHE A 31 -20.52 -7.98 -15.71
C PHE A 31 -19.14 -7.95 -16.36
N SER A 32 -18.95 -7.11 -17.36
CA SER A 32 -17.67 -7.02 -18.09
C SER A 32 -16.51 -6.45 -17.23
N TYR A 33 -16.61 -6.13 -15.95
CA TYR A 33 -15.41 -5.81 -15.18
C TYR A 33 -14.90 -6.99 -14.36
N TYR A 34 -15.69 -8.05 -14.25
CA TYR A 34 -15.39 -9.15 -13.33
C TYR A 34 -14.84 -10.36 -14.09
N GLY A 35 -13.79 -10.97 -13.54
CA GLY A 35 -13.51 -12.35 -13.90
C GLY A 35 -14.61 -13.27 -13.39
N MET A 36 -14.76 -14.41 -14.07
CA MET A 36 -15.84 -15.33 -13.75
C MET A 36 -15.29 -16.73 -13.51
N HIS A 37 -15.84 -17.44 -12.54
CA HIS A 37 -15.40 -18.78 -12.21
C HIS A 37 -16.55 -19.78 -12.28
N TRP A 38 -16.19 -21.04 -12.49
CA TRP A 38 -17.08 -22.16 -12.20
C TRP A 38 -16.47 -22.95 -11.04
N VAL A 39 -17.29 -23.27 -10.05
CA VAL A 39 -16.88 -24.07 -8.89
C VAL A 39 -17.91 -25.17 -8.71
N ARG A 40 -17.45 -26.37 -8.44
CA ARG A 40 -18.41 -27.45 -8.34
C ARG A 40 -18.30 -28.16 -6.99
N GLN A 41 -19.35 -28.91 -6.67
CA GLN A 41 -19.47 -29.65 -5.42
C GLN A 41 -20.18 -30.97 -5.70
N ALA A 42 -19.41 -32.05 -5.75
CA ALA A 42 -20.01 -33.37 -5.82
C ALA A 42 -20.89 -33.61 -4.58
N PRO A 43 -21.99 -34.36 -4.71
CA PRO A 43 -22.93 -34.48 -3.60
C PRO A 43 -22.25 -35.00 -2.33
N GLY A 44 -22.43 -34.27 -1.24
CA GLY A 44 -21.85 -34.63 0.04
C GLY A 44 -20.38 -34.30 0.21
N LYS A 45 -19.74 -33.65 -0.76
CA LYS A 45 -18.32 -33.38 -0.78
C LYS A 45 -18.05 -31.87 -0.68
N GLY A 46 -16.76 -31.51 -0.66
CA GLY A 46 -16.36 -30.13 -0.56
C GLY A 46 -16.45 -29.41 -1.89
N LEU A 47 -15.84 -28.22 -1.93
CA LEU A 47 -15.84 -27.39 -3.11
C LEU A 47 -14.57 -27.65 -3.91
N GLU A 48 -14.71 -27.66 -5.24
CA GLU A 48 -13.58 -27.85 -6.13
C GLU A 48 -13.65 -26.81 -7.25
N TRP A 49 -12.55 -26.08 -7.45
CA TRP A 49 -12.54 -25.07 -8.50
C TRP A 49 -12.39 -25.73 -9.86
N VAL A 50 -13.03 -25.15 -10.88
CA VAL A 50 -13.13 -25.74 -12.22
C VAL A 50 -12.38 -24.90 -13.27
N ALA A 51 -12.81 -23.64 -13.46
CA ALA A 51 -12.22 -22.81 -14.51
C ALA A 51 -12.45 -21.33 -14.19
N VAL A 52 -11.62 -20.49 -14.79
CA VAL A 52 -11.73 -19.03 -14.66
C VAL A 52 -11.59 -18.45 -16.05
N ILE A 53 -12.27 -17.31 -16.27
CA ILE A 53 -12.12 -16.54 -17.50
C ILE A 53 -11.99 -15.07 -17.15
N TRP A 54 -10.98 -14.42 -17.70
CA TRP A 54 -10.72 -13.00 -17.48
C TRP A 54 -11.95 -12.16 -17.86
N TYR A 55 -12.03 -10.97 -17.26
CA TYR A 55 -13.16 -10.08 -17.49
C TYR A 55 -13.41 -9.83 -18.97
N ASP A 56 -12.37 -9.87 -19.80
CA ASP A 56 -12.48 -9.51 -21.22
C ASP A 56 -12.40 -10.72 -22.16
N GLY A 57 -12.37 -11.94 -21.63
CA GLY A 57 -12.29 -13.12 -22.47
C GLY A 57 -10.90 -13.51 -22.89
N SER A 58 -9.90 -12.72 -22.56
CA SER A 58 -8.56 -12.91 -23.12
C SER A 58 -7.82 -14.10 -22.52
N ASN A 59 -8.21 -14.56 -21.34
CA ASN A 59 -7.38 -15.51 -20.61
C ASN A 59 -8.27 -16.49 -19.84
N ARG A 60 -7.86 -17.76 -19.84
CA ARG A 60 -8.62 -18.84 -19.20
C ARG A 60 -7.68 -19.85 -18.57
N PHE A 61 -8.08 -20.37 -17.42
CA PHE A 61 -7.37 -21.46 -16.76
C PHE A 61 -8.37 -22.53 -16.38
N TYR A 62 -7.88 -23.77 -16.32
CA TYR A 62 -8.71 -24.91 -16.00
C TYR A 62 -8.03 -25.76 -14.94
N ALA A 63 -8.85 -26.41 -14.11
CA ALA A 63 -8.33 -27.47 -13.25
C ALA A 63 -7.87 -28.62 -14.14
N ASP A 64 -6.92 -29.41 -13.63
CA ASP A 64 -6.35 -30.48 -14.44
C ASP A 64 -7.38 -31.55 -14.78
N SER A 65 -8.27 -31.86 -13.84
CA SER A 65 -9.25 -32.92 -14.09
C SER A 65 -10.27 -32.57 -15.16
N VAL A 66 -10.36 -31.30 -15.58
CA VAL A 66 -11.26 -30.91 -16.67
C VAL A 66 -10.50 -30.40 -17.88
N LYS A 67 -9.17 -30.37 -17.83
CA LYS A 67 -8.38 -29.80 -18.90
C LYS A 67 -8.68 -30.50 -20.20
N GLY A 68 -8.98 -29.71 -21.23
CA GLY A 68 -9.34 -30.23 -22.54
C GLY A 68 -10.81 -30.57 -22.72
N ARG A 69 -11.43 -31.20 -21.72
CA ARG A 69 -12.82 -31.59 -21.89
C ARG A 69 -13.77 -30.41 -21.75
N PHE A 70 -13.46 -29.46 -20.86
CA PHE A 70 -14.33 -28.32 -20.61
C PHE A 70 -13.79 -27.07 -21.30
N THR A 71 -14.69 -26.17 -21.66
CA THR A 71 -14.30 -24.87 -22.18
C THR A 71 -15.15 -23.82 -21.49
N ILE A 72 -14.51 -22.77 -20.97
CA ILE A 72 -15.21 -21.65 -20.36
C ILE A 72 -15.18 -20.50 -21.36
N SER A 73 -16.28 -19.78 -21.46
CA SER A 73 -16.42 -18.66 -22.39
C SER A 73 -17.45 -17.71 -21.82
N ARG A 74 -17.55 -16.53 -22.44
CA ARG A 74 -18.49 -15.54 -21.93
C ARG A 74 -18.92 -14.63 -23.05
N ASP A 75 -20.10 -14.04 -22.88
CA ASP A 75 -20.70 -13.11 -23.84
C ASP A 75 -20.98 -11.83 -23.05
N ASN A 76 -20.06 -10.87 -23.09
CA ASN A 76 -20.24 -9.73 -22.22
C ASN A 76 -21.46 -8.90 -22.62
N SER A 77 -21.87 -8.94 -23.88
CA SER A 77 -23.03 -8.20 -24.34
C SER A 77 -24.35 -8.86 -23.94
N LYS A 78 -24.32 -10.12 -23.50
CA LYS A 78 -25.46 -10.78 -22.90
C LYS A 78 -25.27 -11.00 -21.41
N SER A 79 -24.19 -10.45 -20.82
CA SER A 79 -23.83 -10.69 -19.42
C SER A 79 -24.02 -12.15 -19.02
N THR A 80 -23.57 -13.09 -19.85
CA THR A 80 -23.76 -14.51 -19.59
C THR A 80 -22.41 -15.22 -19.60
N LEU A 81 -22.27 -16.16 -18.66
CA LEU A 81 -21.13 -17.05 -18.57
C LEU A 81 -21.54 -18.44 -19.03
N TYR A 82 -20.62 -19.15 -19.67
CA TYR A 82 -20.91 -20.48 -20.20
C TYR A 82 -19.88 -21.49 -19.76
N LEU A 83 -20.31 -22.73 -19.63
CA LEU A 83 -19.41 -23.87 -19.48
C LEU A 83 -19.82 -24.96 -20.45
N GLN A 84 -18.99 -25.20 -21.47
CA GLN A 84 -19.19 -26.30 -22.41
C GLN A 84 -18.45 -27.51 -21.87
N MET A 85 -19.20 -28.52 -21.45
CA MET A 85 -18.64 -29.75 -20.88
C MET A 85 -18.72 -30.83 -21.94
N ASN A 86 -17.57 -31.44 -22.25
CA ASN A 86 -17.51 -32.53 -23.22
C ASN A 86 -16.95 -33.78 -22.55
N SER A 87 -17.27 -34.93 -23.15
CA SER A 87 -16.78 -36.23 -22.68
C SER A 87 -17.08 -36.42 -21.19
N LEU A 88 -18.33 -36.19 -20.81
CA LEU A 88 -18.68 -36.24 -19.40
C LEU A 88 -18.35 -37.62 -18.81
N ARG A 89 -17.82 -37.60 -17.60
CA ARG A 89 -17.52 -38.79 -16.82
C ARG A 89 -18.37 -38.78 -15.54
N ALA A 90 -18.45 -39.94 -14.90
CA ALA A 90 -19.23 -40.04 -13.67
C ALA A 90 -18.71 -39.09 -12.59
N GLU A 91 -17.38 -39.02 -12.40
CA GLU A 91 -16.76 -38.07 -11.46
C GLU A 91 -17.08 -36.60 -11.76
N ASP A 92 -17.62 -36.27 -12.94
CA ASP A 92 -18.05 -34.89 -13.18
C ASP A 92 -19.37 -34.55 -12.49
N THR A 93 -20.11 -35.53 -11.98
CA THR A 93 -21.38 -35.28 -11.31
C THR A 93 -21.17 -34.31 -10.16
N ALA A 94 -21.94 -33.22 -10.15
CA ALA A 94 -21.78 -32.19 -9.13
C ALA A 94 -22.85 -31.13 -9.31
N VAL A 95 -22.93 -30.23 -8.34
CA VAL A 95 -23.62 -28.95 -8.52
C VAL A 95 -22.59 -27.94 -9.01
N TYR A 96 -22.92 -27.19 -10.05
CA TYR A 96 -22.00 -26.23 -10.64
C TYR A 96 -22.47 -24.83 -10.29
N TYR A 97 -21.61 -24.06 -9.62
CA TYR A 97 -21.85 -22.67 -9.26
C TYR A 97 -20.99 -21.76 -10.12
N CYS A 98 -21.57 -20.66 -10.61
CA CYS A 98 -20.73 -19.58 -11.10
C CYS A 98 -20.46 -18.58 -9.97
N ALA A 99 -19.29 -17.95 -10.03
CA ALA A 99 -18.92 -16.94 -9.04
C ALA A 99 -18.15 -15.81 -9.72
N THR A 100 -18.35 -14.62 -9.19
CA THR A 100 -17.66 -13.42 -9.63
C THR A 100 -16.32 -13.26 -8.93
N ASP A 101 -15.45 -12.50 -9.57
CA ASP A 101 -14.10 -12.19 -9.15
C ASP A 101 -13.84 -10.72 -9.45
N PRO A 102 -13.68 -9.88 -8.43
CA PRO A 102 -13.54 -8.42 -8.64
C PRO A 102 -12.18 -8.03 -9.19
N PRO A 103 -12.10 -6.90 -9.89
CA PRO A 103 -10.82 -6.45 -10.45
C PRO A 103 -9.68 -6.42 -9.44
N GLY A 104 -8.51 -6.89 -9.86
CA GLY A 104 -7.30 -6.79 -9.08
C GLY A 104 -7.14 -7.87 -8.01
N LEU A 105 -5.95 -7.86 -7.41
CA LEU A 105 -5.69 -8.60 -6.18
C LEU A 105 -5.87 -10.10 -6.35
N ARG A 106 -5.54 -10.59 -7.55
CA ARG A 106 -5.70 -12.00 -7.92
C ARG A 106 -7.10 -12.54 -7.62
N PHE A 107 -7.21 -13.74 -7.08
CA PHE A 107 -8.45 -14.50 -7.19
C PHE A 107 -9.29 -14.42 -5.92
N ARG A 108 -10.61 -14.34 -6.13
CA ARG A 108 -11.63 -14.22 -5.09
C ARG A 108 -12.98 -14.59 -5.70
N PHE A 109 -13.83 -15.25 -4.89
CA PHE A 109 -15.19 -15.63 -5.28
C PHE A 109 -16.15 -14.81 -4.43
N ASP A 110 -16.49 -13.61 -4.87
CA ASP A 110 -17.20 -12.72 -3.95
C ASP A 110 -18.71 -12.75 -4.09
N TYR A 111 -19.27 -13.23 -5.21
CA TYR A 111 -20.70 -13.53 -5.29
C TYR A 111 -20.91 -14.87 -5.97
N TRP A 112 -21.82 -15.68 -5.42
CA TRP A 112 -22.07 -17.02 -5.91
C TRP A 112 -23.49 -17.14 -6.46
N GLY A 113 -23.66 -18.02 -7.42
CA GLY A 113 -24.98 -18.33 -7.92
C GLY A 113 -25.64 -19.44 -7.13
N GLN A 114 -26.69 -20.00 -7.71
CA GLN A 114 -27.50 -21.03 -7.05
C GLN A 114 -27.02 -22.44 -7.33
N GLY A 115 -26.30 -22.66 -8.42
CA GLY A 115 -25.97 -23.99 -8.87
C GLY A 115 -26.98 -24.59 -9.82
N THR A 116 -26.50 -25.33 -10.82
CA THR A 116 -27.28 -26.37 -11.47
C THR A 116 -26.67 -27.72 -11.15
N LEU A 117 -27.53 -28.69 -10.90
CA LEU A 117 -27.09 -30.05 -10.67
C LEU A 117 -26.83 -30.74 -12.00
N VAL A 118 -25.67 -31.39 -12.11
CA VAL A 118 -25.30 -32.16 -13.28
C VAL A 118 -25.07 -33.60 -12.82
N THR A 119 -25.84 -34.53 -13.39
CA THR A 119 -25.79 -35.93 -12.98
C THR A 119 -25.37 -36.76 -14.19
N VAL A 120 -24.19 -37.34 -14.09
CA VAL A 120 -23.66 -38.25 -15.10
C VAL A 120 -23.90 -39.66 -14.58
N SER A 121 -24.98 -40.28 -15.07
CA SER A 121 -25.50 -41.52 -14.50
C SER A 121 -24.51 -42.69 -14.59
N GLY A 130 -8.04 -31.86 -2.88
CA GLY A 130 -7.11 -31.61 -1.79
C GLY A 130 -5.70 -32.11 -2.04
N GLY A 131 -5.45 -32.62 -3.26
CA GLY A 131 -4.13 -33.10 -3.64
C GLY A 131 -3.27 -32.07 -4.35
N SER A 132 -1.97 -32.33 -4.37
CA SER A 132 -0.99 -31.41 -4.96
C SER A 132 -0.70 -31.69 -6.42
N GLY A 133 -1.49 -32.55 -7.08
CA GLY A 133 -1.35 -32.79 -8.51
C GLY A 133 -0.19 -33.71 -8.86
N GLY A 134 -0.05 -33.96 -10.17
CA GLY A 134 0.99 -34.87 -10.64
C GLY A 134 2.40 -34.41 -10.31
N GLY A 135 2.67 -33.10 -10.41
CA GLY A 135 3.98 -32.56 -10.14
C GLY A 135 4.22 -32.06 -8.73
N GLY A 136 3.17 -32.00 -7.92
CA GLY A 136 3.33 -31.66 -6.52
C GLY A 136 3.33 -30.17 -6.19
N SER A 137 3.10 -29.29 -7.17
CA SER A 137 3.20 -27.85 -6.94
C SER A 137 1.87 -27.19 -6.62
N ASP A 138 0.77 -27.92 -6.70
CA ASP A 138 -0.53 -27.37 -6.32
C ASP A 138 -0.59 -27.14 -4.82
N ILE A 139 -1.13 -26.00 -4.40
CA ILE A 139 -1.16 -25.66 -2.98
C ILE A 139 -2.26 -26.47 -2.31
N VAL A 140 -1.89 -27.19 -1.25
CA VAL A 140 -2.80 -28.01 -0.47
C VAL A 140 -3.25 -27.21 0.75
N MET A 141 -4.56 -27.21 1.02
CA MET A 141 -5.12 -26.49 2.16
C MET A 141 -5.69 -27.49 3.16
N THR A 142 -5.22 -27.43 4.41
CA THR A 142 -5.64 -28.35 5.46
C THR A 142 -6.30 -27.57 6.57
N GLN A 143 -7.53 -27.96 6.93
CA GLN A 143 -8.32 -27.28 7.94
C GLN A 143 -8.49 -28.14 9.18
N SER A 144 -8.68 -27.47 10.32
CA SER A 144 -8.80 -28.15 11.59
C SER A 144 -9.76 -27.38 12.50
N PRO A 145 -10.71 -28.06 13.16
CA PRO A 145 -10.94 -29.50 13.08
C PRO A 145 -11.89 -29.88 11.96
N LEU A 146 -12.25 -31.16 11.86
CA LEU A 146 -13.23 -31.58 10.86
C LEU A 146 -14.63 -31.14 11.23
N SER A 147 -15.03 -31.30 12.50
CA SER A 147 -16.29 -30.78 13.01
C SER A 147 -16.02 -30.07 14.32
N LEU A 148 -16.83 -29.05 14.60
CA LEU A 148 -16.68 -28.24 15.80
C LEU A 148 -18.03 -27.98 16.41
N PRO A 149 -18.49 -28.88 17.30
CA PRO A 149 -19.73 -28.61 18.04
C PRO A 149 -19.56 -27.39 18.95
N VAL A 150 -20.51 -26.47 18.86
CA VAL A 150 -20.46 -25.19 19.58
C VAL A 150 -21.78 -24.93 20.30
N THR A 151 -21.69 -24.39 21.51
CA THR A 151 -22.79 -23.87 22.31
C THR A 151 -23.06 -22.41 21.92
N PRO A 152 -24.34 -22.02 21.76
CA PRO A 152 -24.64 -20.65 21.37
C PRO A 152 -24.11 -19.63 22.37
N GLY A 153 -23.50 -18.57 21.84
CA GLY A 153 -22.98 -17.48 22.66
C GLY A 153 -21.53 -17.63 23.11
N GLU A 154 -20.92 -18.84 22.93
CA GLU A 154 -19.53 -19.06 23.30
C GLU A 154 -18.63 -18.99 22.06
N PRO A 155 -17.36 -18.63 22.21
CA PRO A 155 -16.53 -18.39 21.03
C PRO A 155 -16.26 -19.67 20.25
N ALA A 156 -15.70 -19.46 19.06
CA ALA A 156 -15.26 -20.55 18.20
C ALA A 156 -14.03 -20.11 17.43
N SER A 157 -13.13 -21.05 17.19
CA SER A 157 -12.00 -20.76 16.33
C SER A 157 -11.70 -22.01 15.53
N ILE A 158 -11.32 -21.82 14.26
CA ILE A 158 -10.95 -22.89 13.36
C ILE A 158 -9.68 -22.47 12.64
N SER A 159 -8.91 -23.44 12.18
CA SER A 159 -7.61 -23.10 11.64
C SER A 159 -7.41 -23.70 10.26
N CYS A 160 -6.53 -23.06 9.50
CA CYS A 160 -6.21 -23.50 8.14
C CYS A 160 -4.71 -23.30 7.93
N ARG A 161 -4.01 -24.36 7.58
CA ARG A 161 -2.62 -24.21 7.14
C ARG A 161 -2.52 -24.57 5.66
N SER A 162 -1.60 -23.91 4.97
CA SER A 162 -1.39 -24.16 3.55
C SER A 162 0.01 -24.68 3.32
N SER A 163 0.12 -25.58 2.34
CA SER A 163 1.39 -26.17 1.96
C SER A 163 2.40 -25.13 1.44
N GLN A 164 1.97 -23.92 1.09
CA GLN A 164 2.87 -22.89 0.56
C GLN A 164 2.46 -21.54 1.12
N SER A 165 3.45 -20.67 1.32
CA SER A 165 3.16 -19.33 1.81
C SER A 165 2.22 -18.60 0.87
N LEU A 166 1.14 -18.06 1.44
CA LEU A 166 0.21 -17.19 0.71
C LEU A 166 0.52 -15.71 0.90
N LEU A 167 1.61 -15.37 1.60
CA LEU A 167 2.07 -14.00 1.73
C LEU A 167 2.90 -13.63 0.51
N HIS A 168 2.60 -12.47 -0.08
CA HIS A 168 3.31 -11.94 -1.23
C HIS A 168 4.18 -10.77 -0.80
N SER A 169 5.04 -10.33 -1.73
CA SER A 169 5.83 -9.12 -1.48
C SER A 169 4.96 -7.88 -1.35
N ASN A 170 3.79 -7.90 -1.99
CA ASN A 170 2.71 -6.96 -1.78
C ASN A 170 2.46 -6.63 -0.32
N GLY A 171 2.73 -7.58 0.56
CA GLY A 171 2.20 -7.53 1.90
C GLY A 171 0.85 -8.19 2.05
N TYR A 172 0.25 -8.66 0.97
CA TYR A 172 -1.07 -9.28 1.04
C TYR A 172 -0.96 -10.79 1.28
N ASN A 173 -1.90 -11.32 2.07
CA ASN A 173 -2.11 -12.76 2.20
C ASN A 173 -3.33 -13.16 1.36
N TYR A 174 -3.09 -13.92 0.29
CA TYR A 174 -4.17 -14.37 -0.59
C TYR A 174 -4.84 -15.62 -0.01
N LEU A 175 -5.55 -15.41 1.10
CA LEU A 175 -6.36 -16.43 1.73
C LEU A 175 -7.77 -15.88 1.93
N ASP A 176 -8.79 -16.67 1.59
CA ASP A 176 -10.18 -16.34 1.88
C ASP A 176 -10.83 -17.43 2.70
N TRP A 177 -11.90 -17.07 3.40
CA TRP A 177 -12.80 -18.01 4.06
C TRP A 177 -14.19 -17.90 3.45
N TYR A 178 -14.79 -19.06 3.16
CA TYR A 178 -16.14 -19.16 2.60
C TYR A 178 -17.05 -19.93 3.54
N LEU A 179 -18.28 -19.47 3.69
CA LEU A 179 -19.27 -20.15 4.53
C LEU A 179 -20.36 -20.74 3.64
N GLN A 180 -20.67 -22.01 3.86
CA GLN A 180 -21.84 -22.65 3.25
C GLN A 180 -22.82 -23.01 4.37
N LYS A 181 -23.89 -22.22 4.51
CA LYS A 181 -24.97 -22.56 5.44
C LYS A 181 -25.69 -23.83 4.94
N PRO A 182 -26.30 -24.58 5.84
CA PRO A 182 -26.94 -25.84 5.42
C PRO A 182 -27.98 -25.59 4.32
N GLY A 183 -27.83 -26.32 3.22
CA GLY A 183 -28.73 -26.20 2.10
C GLY A 183 -28.56 -24.96 1.24
N GLN A 184 -27.55 -24.14 1.51
CA GLN A 184 -27.40 -22.91 0.74
C GLN A 184 -26.14 -22.98 -0.12
N SER A 185 -26.05 -22.08 -1.05
CA SER A 185 -24.82 -21.96 -1.81
C SER A 185 -23.78 -21.21 -0.98
N PRO A 186 -22.50 -21.40 -1.27
CA PRO A 186 -21.44 -20.75 -0.47
C PRO A 186 -21.46 -19.24 -0.59
N GLN A 187 -20.83 -18.59 0.39
CA GLN A 187 -20.72 -17.14 0.40
C GLN A 187 -19.39 -16.73 0.97
N LEU A 188 -18.85 -15.62 0.45
CA LEU A 188 -17.59 -15.07 0.95
C LEU A 188 -17.76 -14.54 2.36
N LEU A 189 -16.84 -14.90 3.25
CA LEU A 189 -16.83 -14.41 4.64
C LEU A 189 -15.68 -13.45 4.92
N ILE A 190 -14.45 -13.85 4.61
CA ILE A 190 -13.25 -13.05 4.81
C ILE A 190 -12.43 -13.14 3.53
N TYR A 191 -11.93 -12.01 3.04
CA TYR A 191 -11.02 -12.01 1.91
C TYR A 191 -9.69 -11.39 2.31
N LEU A 192 -8.63 -11.83 1.61
CA LEU A 192 -7.26 -11.40 1.87
C LEU A 192 -6.91 -11.51 3.34
N GLY A 193 -7.19 -12.67 3.90
CA GLY A 193 -6.74 -12.94 5.27
C GLY A 193 -7.55 -12.37 6.39
N SER A 194 -7.90 -11.08 6.33
CA SER A 194 -8.49 -10.43 7.50
C SER A 194 -9.57 -9.39 7.20
N ASN A 195 -10.00 -9.24 5.95
CA ASN A 195 -11.02 -8.26 5.62
C ASN A 195 -12.40 -8.90 5.58
N ARG A 196 -13.34 -8.33 6.34
CA ARG A 196 -14.70 -8.81 6.29
C ARG A 196 -15.36 -8.38 4.97
N ALA A 197 -16.16 -9.29 4.41
CA ALA A 197 -16.96 -8.99 3.24
C ALA A 197 -18.18 -8.18 3.67
N SER A 198 -18.80 -7.52 2.70
CA SER A 198 -19.92 -6.65 3.00
C SER A 198 -21.05 -7.42 3.66
N GLY A 199 -21.49 -6.94 4.82
CA GLY A 199 -22.58 -7.54 5.56
C GLY A 199 -22.17 -8.60 6.57
N VAL A 200 -20.93 -9.06 6.54
CA VAL A 200 -20.50 -10.07 7.51
C VAL A 200 -20.40 -9.40 8.88
N PRO A 201 -21.17 -9.85 9.86
CA PRO A 201 -21.16 -9.22 11.19
C PRO A 201 -19.77 -9.19 11.80
N ASP A 202 -19.55 -8.22 12.69
CA ASP A 202 -18.21 -7.99 13.23
C ASP A 202 -17.79 -9.05 14.25
N ARG A 203 -18.63 -10.03 14.59
CA ARG A 203 -18.18 -11.11 15.46
C ARG A 203 -17.31 -12.13 14.72
N PHE A 204 -17.26 -12.07 13.39
CA PHE A 204 -16.30 -12.82 12.59
C PHE A 204 -15.01 -12.06 12.41
N SER A 205 -13.88 -12.75 12.56
CA SER A 205 -12.63 -12.10 12.24
C SER A 205 -11.59 -13.15 11.88
N GLY A 206 -10.82 -12.87 10.83
CA GLY A 206 -9.76 -13.75 10.37
C GLY A 206 -8.38 -13.17 10.66
N SER A 207 -7.43 -14.05 10.96
CA SER A 207 -6.07 -13.64 11.29
C SER A 207 -5.11 -14.66 10.73
N GLY A 208 -3.82 -14.37 10.84
CA GLY A 208 -2.76 -15.25 10.39
C GLY A 208 -1.98 -14.64 9.24
N SER A 209 -1.00 -15.41 8.78
CA SER A 209 -0.06 -14.93 7.77
C SER A 209 0.79 -16.08 7.26
N GLY A 210 1.25 -15.93 6.02
CA GLY A 210 2.14 -16.92 5.44
C GLY A 210 1.48 -18.26 5.21
N THR A 211 1.55 -19.16 6.20
CA THR A 211 0.99 -20.49 6.03
C THR A 211 -0.02 -20.88 7.10
N ASP A 212 -0.19 -20.11 8.16
CA ASP A 212 -1.08 -20.47 9.25
C ASP A 212 -2.13 -19.39 9.43
N PHE A 213 -3.39 -19.80 9.41
CA PHE A 213 -4.48 -18.86 9.44
C PHE A 213 -5.55 -19.38 10.40
N THR A 214 -6.27 -18.45 11.03
CA THR A 214 -7.37 -18.85 11.88
C THR A 214 -8.55 -17.92 11.64
N LEU A 215 -9.74 -18.48 11.81
CA LEU A 215 -10.99 -17.75 11.78
C LEU A 215 -11.60 -17.86 13.17
N LYS A 216 -12.05 -16.73 13.72
CA LYS A 216 -12.66 -16.71 15.05
C LYS A 216 -14.05 -16.11 14.96
N ILE A 217 -15.01 -16.74 15.66
CA ILE A 217 -16.34 -16.18 15.88
C ILE A 217 -16.44 -15.86 17.37
N SER A 218 -16.57 -14.57 17.71
CA SER A 218 -16.48 -14.20 19.13
C SER A 218 -17.65 -14.78 19.92
N ARG A 219 -18.87 -14.78 19.36
CA ARG A 219 -20.03 -15.36 20.04
C ARG A 219 -20.94 -16.01 19.01
N VAL A 220 -20.88 -17.34 18.90
CA VAL A 220 -21.56 -18.08 17.84
C VAL A 220 -23.06 -17.95 17.98
N GLU A 221 -23.74 -17.63 16.90
CA GLU A 221 -25.19 -17.64 16.82
C GLU A 221 -25.64 -18.82 15.99
N ALA A 222 -26.88 -19.26 16.22
CA ALA A 222 -27.38 -20.41 15.49
C ALA A 222 -27.38 -20.18 13.97
N GLU A 223 -27.46 -18.93 13.51
CA GLU A 223 -27.40 -18.67 12.08
C GLU A 223 -25.99 -18.77 11.50
N ASP A 224 -24.99 -19.05 12.34
CA ASP A 224 -23.60 -19.18 11.89
C ASP A 224 -23.23 -20.62 11.57
N VAL A 225 -24.17 -21.55 11.78
CA VAL A 225 -23.95 -22.96 11.49
C VAL A 225 -23.69 -23.17 10.01
N GLY A 226 -22.77 -24.07 9.69
CA GLY A 226 -22.54 -24.42 8.31
C GLY A 226 -21.21 -25.12 8.16
N VAL A 227 -20.70 -25.12 6.93
CA VAL A 227 -19.34 -25.60 6.66
C VAL A 227 -18.52 -24.41 6.23
N TYR A 228 -17.42 -24.18 6.94
CA TYR A 228 -16.46 -23.13 6.64
C TYR A 228 -15.29 -23.70 5.84
N TYR A 229 -15.01 -23.10 4.69
CA TYR A 229 -13.87 -23.47 3.86
C TYR A 229 -12.83 -22.36 3.80
N CYS A 230 -11.56 -22.73 3.86
CA CYS A 230 -10.54 -21.79 3.45
C CYS A 230 -10.18 -22.02 1.98
N MET A 231 -9.51 -21.04 1.40
CA MET A 231 -9.19 -21.11 -0.02
C MET A 231 -8.04 -20.16 -0.29
N GLN A 232 -7.08 -20.60 -1.07
CA GLN A 232 -6.03 -19.68 -1.53
C GLN A 232 -6.38 -19.15 -2.91
N GLY A 233 -6.11 -17.87 -3.11
CA GLY A 233 -6.28 -17.21 -4.39
C GLY A 233 -4.98 -16.66 -4.93
N LEU A 234 -3.86 -17.24 -4.49
CA LEU A 234 -2.56 -16.76 -4.90
C LEU A 234 -2.23 -17.18 -6.33
N GLN A 235 -2.60 -18.40 -6.70
CA GLN A 235 -2.19 -18.92 -8.00
C GLN A 235 -3.12 -20.05 -8.43
N THR A 236 -3.09 -20.36 -9.74
CA THR A 236 -3.93 -21.46 -10.18
C THR A 236 -3.17 -22.78 -10.15
N PRO A 237 -3.87 -23.91 -9.92
CA PRO A 237 -5.30 -24.03 -9.61
C PRO A 237 -5.67 -23.44 -8.24
N LEU A 238 -6.85 -22.82 -8.15
CA LEU A 238 -7.37 -22.40 -6.86
C LEU A 238 -7.81 -23.62 -6.06
N THR A 239 -7.47 -23.65 -4.78
CA THR A 239 -7.68 -24.86 -3.99
C THR A 239 -8.35 -24.52 -2.67
N PHE A 240 -9.28 -25.38 -2.25
CA PHE A 240 -9.98 -25.22 -0.98
C PHE A 240 -9.42 -26.19 0.07
N GLY A 241 -9.73 -25.91 1.32
CA GLY A 241 -9.58 -26.89 2.37
C GLY A 241 -10.70 -27.93 2.36
N GLY A 242 -10.55 -28.92 3.24
CA GLY A 242 -11.60 -29.91 3.36
C GLY A 242 -12.87 -29.40 4.01
N GLY A 243 -12.79 -28.28 4.73
CA GLY A 243 -13.99 -27.74 5.35
C GLY A 243 -14.10 -28.17 6.80
N THR A 244 -14.73 -27.30 7.60
CA THR A 244 -14.98 -27.55 9.02
C THR A 244 -16.47 -27.37 9.28
N LYS A 245 -17.11 -28.39 9.84
CA LYS A 245 -18.54 -28.35 10.10
C LYS A 245 -18.77 -27.76 11.48
N VAL A 246 -19.42 -26.60 11.53
CA VAL A 246 -19.80 -25.97 12.78
C VAL A 246 -21.27 -26.27 13.03
N GLU A 247 -21.57 -26.90 14.15
CA GLU A 247 -22.94 -27.24 14.49
C GLU A 247 -23.18 -26.96 15.97
N ILE A 248 -24.47 -26.87 16.32
CA ILE A 248 -24.87 -26.70 17.71
C ILE A 248 -24.75 -28.04 18.43
N LYS A 249 -24.15 -28.01 19.62
CA LYS A 249 -23.89 -29.19 20.45
C LYS A 249 -25.13 -30.01 20.79
N ASN B 1 32.79 5.83 -24.95
CA ASN B 1 31.59 6.33 -24.26
C ASN B 1 30.29 6.03 -25.02
N LEU B 2 30.11 4.76 -25.39
CA LEU B 2 28.88 4.36 -26.07
C LEU B 2 27.69 4.54 -25.16
N CYS B 3 26.54 4.83 -25.75
CA CYS B 3 25.35 4.98 -24.94
C CYS B 3 24.92 3.62 -24.40
N PRO B 4 24.56 3.53 -23.14
CA PRO B 4 24.18 2.24 -22.53
C PRO B 4 22.76 1.83 -22.89
N PHE B 5 22.52 1.51 -24.16
CA PHE B 5 21.23 0.97 -24.56
C PHE B 5 21.07 -0.48 -24.20
N GLY B 6 22.17 -1.22 -24.06
CA GLY B 6 22.08 -2.61 -23.66
C GLY B 6 21.46 -2.77 -22.30
N GLU B 7 21.74 -1.84 -21.38
CA GLU B 7 21.13 -1.93 -20.06
C GLU B 7 19.62 -1.77 -20.13
N VAL B 8 19.12 -1.07 -21.15
CA VAL B 8 17.68 -0.90 -21.30
C VAL B 8 17.07 -2.12 -22.00
N PHE B 9 17.52 -2.41 -23.22
CA PHE B 9 16.90 -3.46 -24.02
C PHE B 9 17.13 -4.84 -23.43
N ASN B 10 18.27 -5.06 -22.79
CA ASN B 10 18.59 -6.38 -22.30
C ASN B 10 18.38 -6.51 -20.80
N ALA B 11 17.79 -5.50 -20.14
CA ALA B 11 17.54 -5.62 -18.72
C ALA B 11 16.82 -6.93 -18.43
N THR B 12 17.22 -7.60 -17.34
CA THR B 12 16.69 -8.95 -17.14
C THR B 12 15.23 -8.90 -16.73
N ARG B 13 14.82 -7.82 -16.06
CA ARG B 13 13.43 -7.59 -15.66
C ARG B 13 12.94 -6.28 -16.26
N PHE B 14 11.65 -6.24 -16.54
CA PHE B 14 11.00 -5.07 -17.13
C PHE B 14 9.89 -4.58 -16.20
N ALA B 15 9.66 -3.27 -16.22
CA ALA B 15 8.65 -2.71 -15.34
C ALA B 15 7.25 -3.06 -15.81
N SER B 16 6.31 -3.07 -14.86
CA SER B 16 4.90 -3.08 -15.21
C SER B 16 4.55 -1.77 -15.91
N VAL B 17 3.55 -1.81 -16.78
CA VAL B 17 3.31 -0.65 -17.62
C VAL B 17 2.75 0.51 -16.80
N TYR B 18 1.92 0.23 -15.78
CA TYR B 18 1.43 1.35 -14.98
C TYR B 18 2.57 2.08 -14.29
N ALA B 19 3.65 1.37 -13.94
CA ALA B 19 4.83 1.92 -13.29
C ALA B 19 6.03 1.88 -14.22
N TRP B 20 5.87 2.41 -15.44
CA TRP B 20 6.86 2.24 -16.50
C TRP B 20 8.19 2.90 -16.14
N ASN B 21 9.27 2.23 -16.51
CA ASN B 21 10.60 2.73 -16.15
C ASN B 21 11.07 3.80 -17.14
N ARG B 22 11.79 4.81 -16.62
CA ARG B 22 12.48 5.79 -17.46
C ARG B 22 13.96 5.82 -17.14
N LYS B 23 14.78 5.68 -18.18
CA LYS B 23 16.21 5.88 -18.11
C LYS B 23 16.54 7.12 -18.94
N ARG B 24 17.29 8.04 -18.36
CA ARG B 24 17.78 9.21 -19.07
C ARG B 24 19.14 8.89 -19.69
N ILE B 25 19.31 9.23 -20.96
CA ILE B 25 20.56 9.01 -21.69
C ILE B 25 21.18 10.37 -22.00
N SER B 26 22.44 10.56 -21.60
CA SER B 26 23.16 11.79 -21.94
C SER B 26 24.65 11.51 -21.91
N ASN B 27 25.42 12.44 -22.50
CA ASN B 27 26.88 12.41 -22.57
C ASN B 27 27.42 11.04 -22.95
N CYS B 28 27.05 10.61 -24.15
CA CYS B 28 27.49 9.34 -24.72
C CYS B 28 27.29 9.38 -26.21
N VAL B 29 27.88 8.41 -26.91
CA VAL B 29 27.80 8.34 -28.37
C VAL B 29 26.77 7.28 -28.74
N ALA B 30 25.71 7.71 -29.43
CA ALA B 30 24.60 6.82 -29.79
C ALA B 30 24.77 6.25 -31.20
N ASP B 31 24.48 4.95 -31.34
CA ASP B 31 24.41 4.30 -32.66
C ASP B 31 23.06 3.59 -32.77
N TYR B 32 22.02 4.35 -33.15
CA TYR B 32 20.70 3.80 -33.38
C TYR B 32 20.68 2.79 -34.50
N SER B 33 21.77 2.66 -35.24
CA SER B 33 21.83 1.71 -36.35
C SER B 33 21.86 0.27 -35.87
N VAL B 34 22.58 -0.01 -34.77
CA VAL B 34 22.61 -1.37 -34.25
C VAL B 34 21.23 -1.83 -33.79
N LEU B 35 20.40 -0.90 -33.28
CA LEU B 35 19.02 -1.25 -33.00
C LEU B 35 18.22 -1.42 -34.29
N TYR B 36 18.32 -0.46 -35.20
CA TYR B 36 17.43 -0.46 -36.36
C TYR B 36 17.62 -1.68 -37.25
N ASN B 37 18.85 -2.19 -37.40
CA ASN B 37 19.10 -3.35 -38.24
C ASN B 37 18.98 -4.67 -37.48
N SER B 38 18.29 -4.68 -36.35
CA SER B 38 18.40 -5.82 -35.46
C SER B 38 17.80 -7.09 -36.06
N ALA B 39 16.48 -7.10 -36.30
CA ALA B 39 15.61 -8.21 -36.73
C ALA B 39 14.99 -8.98 -35.58
N SER B 40 15.46 -8.79 -34.35
CA SER B 40 14.75 -9.37 -33.22
C SER B 40 13.51 -8.56 -32.85
N PHE B 41 13.40 -7.33 -33.33
CA PHE B 41 12.25 -6.49 -33.01
C PHE B 41 11.13 -6.75 -34.01
N SER B 42 9.95 -7.05 -33.50
CA SER B 42 8.77 -7.12 -34.35
C SER B 42 8.21 -5.74 -34.66
N THR B 43 8.45 -4.75 -33.81
CA THR B 43 8.01 -3.38 -34.02
C THR B 43 9.19 -2.42 -33.86
N PHE B 44 9.38 -1.54 -34.85
CA PHE B 44 10.34 -0.43 -34.82
C PHE B 44 9.72 0.66 -35.70
N LYS B 45 8.77 1.38 -35.13
CA LYS B 45 8.12 2.50 -35.77
C LYS B 45 8.74 3.79 -35.25
N CYS B 46 9.07 4.72 -36.14
CA CYS B 46 9.54 6.03 -35.72
C CYS B 46 8.58 7.09 -36.22
N TYR B 47 8.36 8.11 -35.40
CA TYR B 47 7.42 9.19 -35.69
C TYR B 47 8.20 10.50 -35.82
N GLY B 48 7.94 11.22 -36.90
CA GLY B 48 8.70 12.42 -37.21
C GLY B 48 10.04 12.16 -37.87
N VAL B 49 10.90 11.43 -37.19
CA VAL B 49 12.30 11.31 -37.55
C VAL B 49 12.54 9.99 -38.27
N SER B 50 13.40 10.00 -39.29
CA SER B 50 13.82 8.76 -39.90
C SER B 50 14.84 8.05 -39.00
N PRO B 51 14.79 6.73 -38.89
CA PRO B 51 15.75 6.04 -38.01
C PRO B 51 17.18 6.12 -38.51
N THR B 52 17.40 6.11 -39.83
CA THR B 52 18.77 6.25 -40.33
C THR B 52 19.24 7.69 -40.16
N LYS B 53 18.39 8.67 -40.45
CA LYS B 53 18.71 10.07 -40.18
C LYS B 53 19.00 10.32 -38.70
N LEU B 54 18.57 9.42 -37.82
CA LEU B 54 18.78 9.58 -36.37
C LEU B 54 20.27 9.60 -36.01
N ASN B 55 21.07 8.77 -36.69
CA ASN B 55 22.50 8.69 -36.43
C ASN B 55 23.25 9.96 -36.81
N ASP B 56 22.62 10.89 -37.53
CA ASP B 56 23.29 12.11 -37.96
C ASP B 56 22.87 13.31 -37.12
N LEU B 57 22.07 13.12 -36.09
CA LEU B 57 21.50 14.22 -35.33
C LEU B 57 22.07 14.26 -33.92
N CYS B 58 21.82 15.36 -33.25
CA CYS B 58 22.31 15.58 -31.90
C CYS B 58 21.16 16.04 -31.03
N PHE B 59 21.09 15.52 -29.80
CA PHE B 59 20.04 15.86 -28.87
C PHE B 59 20.63 16.23 -27.52
N THR B 60 19.86 17.00 -26.76
CA THR B 60 20.25 17.29 -25.38
C THR B 60 20.12 16.04 -24.50
N ASN B 61 18.99 15.35 -24.62
CA ASN B 61 18.74 14.14 -23.85
C ASN B 61 17.94 13.16 -24.71
N VAL B 62 18.18 11.88 -24.45
CA VAL B 62 17.38 10.79 -24.98
C VAL B 62 16.77 10.04 -23.80
N TYR B 63 15.46 9.86 -23.81
CA TYR B 63 14.79 9.12 -22.75
C TYR B 63 14.37 7.75 -23.25
N ALA B 64 14.73 6.72 -22.51
CA ALA B 64 14.33 5.34 -22.82
C ALA B 64 13.27 4.89 -21.82
N ASP B 65 12.05 4.66 -22.31
CA ASP B 65 10.93 4.20 -21.49
C ASP B 65 10.67 2.73 -21.78
N SER B 66 10.62 1.90 -20.74
CA SER B 66 10.44 0.47 -20.95
C SER B 66 9.35 -0.08 -20.03
N PHE B 67 8.63 -1.07 -20.54
CA PHE B 67 7.53 -1.72 -19.82
C PHE B 67 7.10 -2.95 -20.60
N VAL B 68 6.12 -3.67 -20.06
CA VAL B 68 5.56 -4.85 -20.72
C VAL B 68 4.05 -4.65 -20.87
N ILE B 69 3.56 -4.95 -22.06
CA ILE B 69 2.12 -5.02 -22.33
C ILE B 69 1.88 -6.29 -23.12
N ARG B 70 0.66 -6.51 -23.56
CA ARG B 70 0.40 -7.67 -24.39
C ARG B 70 0.33 -7.24 -25.85
N GLY B 71 0.66 -8.18 -26.73
CA GLY B 71 0.72 -7.99 -28.18
C GLY B 71 -0.32 -7.08 -28.81
N ASP B 72 -1.60 -7.31 -28.56
CA ASP B 72 -2.60 -6.51 -29.25
C ASP B 72 -2.76 -5.11 -28.66
N GLU B 73 -1.95 -4.74 -27.67
CA GLU B 73 -1.94 -3.38 -27.17
C GLU B 73 -0.72 -2.60 -27.66
N VAL B 74 0.23 -3.27 -28.33
CA VAL B 74 1.40 -2.56 -28.81
C VAL B 74 1.00 -1.44 -29.75
N ARG B 75 -0.10 -1.62 -30.50
CA ARG B 75 -0.60 -0.58 -31.38
C ARG B 75 -1.04 0.68 -30.64
N GLN B 76 -1.25 0.61 -29.34
CA GLN B 76 -1.66 1.78 -28.56
C GLN B 76 -0.50 2.67 -28.17
N ILE B 77 0.75 2.18 -28.31
CA ILE B 77 1.92 2.99 -28.01
C ILE B 77 2.25 3.78 -29.26
N ALA B 78 1.37 4.71 -29.62
CA ALA B 78 1.46 5.51 -30.82
C ALA B 78 0.71 6.80 -30.55
N PRO B 79 1.02 7.88 -31.27
CA PRO B 79 0.27 9.12 -31.05
C PRO B 79 -1.19 8.92 -31.46
N GLY B 80 -2.08 9.64 -30.79
CA GLY B 80 -3.49 9.63 -31.15
C GLY B 80 -4.26 8.37 -30.79
N GLN B 81 -3.70 7.50 -29.97
CA GLN B 81 -4.36 6.24 -29.68
C GLN B 81 -5.18 6.35 -28.40
N THR B 82 -6.30 5.65 -28.38
CA THR B 82 -7.10 5.46 -27.19
C THR B 82 -7.14 3.98 -26.86
N GLY B 83 -7.67 3.69 -25.68
CA GLY B 83 -7.62 2.36 -25.11
C GLY B 83 -7.06 2.38 -23.71
N LYS B 84 -7.15 1.22 -23.07
CA LYS B 84 -6.84 1.14 -21.65
C LYS B 84 -5.38 1.51 -21.37
N ILE B 85 -4.44 1.07 -22.20
CA ILE B 85 -3.03 1.42 -22.00
C ILE B 85 -2.80 2.91 -22.26
N ALA B 86 -3.23 3.40 -23.42
CA ALA B 86 -2.98 4.80 -23.76
C ALA B 86 -3.72 5.76 -22.83
N ASP B 87 -4.87 5.36 -22.34
CA ASP B 87 -5.66 6.29 -21.53
C ASP B 87 -5.25 6.28 -20.07
N TYR B 88 -4.84 5.13 -19.53
CA TYR B 88 -4.64 4.97 -18.10
C TYR B 88 -3.22 4.57 -17.70
N ASN B 89 -2.30 4.36 -18.65
CA ASN B 89 -1.05 3.70 -18.29
C ASN B 89 0.18 4.38 -18.87
N TYR B 90 0.23 4.53 -20.19
CA TYR B 90 1.36 5.18 -20.84
C TYR B 90 0.87 5.91 -22.08
N LYS B 91 1.05 7.22 -22.10
CA LYS B 91 0.44 8.09 -23.10
C LYS B 91 1.52 8.83 -23.87
N LEU B 92 1.57 8.63 -25.17
CA LEU B 92 2.42 9.40 -26.06
C LEU B 92 1.69 10.65 -26.54
N PRO B 93 2.43 11.74 -26.71
CA PRO B 93 1.84 13.00 -27.19
C PRO B 93 1.57 12.93 -28.68
N ASP B 94 0.66 13.79 -29.13
CA ASP B 94 0.33 13.84 -30.55
C ASP B 94 1.52 14.30 -31.40
N ASP B 95 2.36 15.18 -30.87
CA ASP B 95 3.54 15.68 -31.56
C ASP B 95 4.78 14.80 -31.34
N PHE B 96 4.59 13.50 -31.08
CA PHE B 96 5.68 12.66 -30.60
C PHE B 96 6.82 12.61 -31.63
N THR B 97 8.02 12.93 -31.17
CA THR B 97 9.26 12.82 -31.96
C THR B 97 10.06 11.68 -31.33
N GLY B 98 9.98 10.50 -31.94
CA GLY B 98 10.74 9.38 -31.38
C GLY B 98 10.25 8.06 -31.91
N CYS B 99 10.77 7.00 -31.30
CA CYS B 99 10.62 5.63 -31.80
C CYS B 99 9.99 4.71 -30.77
N VAL B 100 9.12 3.83 -31.24
CA VAL B 100 8.55 2.76 -30.41
C VAL B 100 9.11 1.42 -30.88
N ILE B 101 9.84 0.74 -30.00
CA ILE B 101 10.44 -0.55 -30.27
C ILE B 101 9.77 -1.60 -29.39
N ALA B 102 9.36 -2.71 -29.99
CA ALA B 102 8.70 -3.79 -29.25
C ALA B 102 9.18 -5.13 -29.80
N TRP B 103 9.19 -6.13 -28.91
CA TRP B 103 9.43 -7.52 -29.30
C TRP B 103 8.69 -8.46 -28.35
N ASN B 104 8.49 -9.68 -28.84
CA ASN B 104 7.77 -10.72 -28.14
C ASN B 104 8.65 -11.35 -27.08
N SER B 105 8.09 -11.55 -25.88
CA SER B 105 8.84 -12.03 -24.73
C SER B 105 8.12 -13.15 -24.01
N ASN B 106 7.28 -13.90 -24.73
CA ASN B 106 6.61 -15.07 -24.17
C ASN B 106 7.56 -15.96 -23.38
N ASN B 107 8.74 -16.23 -23.96
CA ASN B 107 9.72 -17.14 -23.38
C ASN B 107 10.32 -16.64 -22.07
N LEU B 108 10.16 -15.36 -21.74
CA LEU B 108 10.69 -14.81 -20.50
C LEU B 108 9.61 -14.40 -19.51
N ASP B 109 8.44 -14.00 -20.01
CA ASP B 109 7.48 -13.29 -19.19
C ASP B 109 6.18 -14.07 -18.97
N SER B 110 6.02 -15.25 -19.57
CA SER B 110 4.91 -16.14 -19.32
C SER B 110 5.35 -17.30 -18.45
N LYS B 111 4.43 -17.86 -17.67
CA LYS B 111 4.75 -19.12 -17.01
C LYS B 111 3.49 -19.97 -16.90
N VAL B 112 3.70 -21.28 -16.80
CA VAL B 112 2.56 -22.18 -16.71
C VAL B 112 1.81 -21.87 -15.43
N GLY B 113 0.49 -21.80 -15.52
CA GLY B 113 -0.33 -21.29 -14.44
C GLY B 113 -0.50 -19.79 -14.43
N GLY B 114 0.30 -19.07 -15.22
CA GLY B 114 0.13 -17.64 -15.36
C GLY B 114 1.15 -16.85 -14.57
N ASN B 115 1.61 -15.75 -15.16
CA ASN B 115 2.50 -14.81 -14.51
C ASN B 115 1.67 -13.64 -14.04
N TYR B 116 1.63 -13.41 -12.74
CA TYR B 116 0.77 -12.38 -12.17
C TYR B 116 1.55 -11.13 -11.83
N ASN B 117 2.85 -11.12 -12.09
CA ASN B 117 3.68 -10.00 -11.65
C ASN B 117 3.44 -8.75 -12.47
N TYR B 118 3.11 -8.88 -13.76
CA TYR B 118 2.91 -7.72 -14.61
C TYR B 118 1.48 -7.19 -14.46
N LEU B 119 1.37 -5.91 -14.12
CA LEU B 119 0.09 -5.25 -13.86
C LEU B 119 -0.12 -4.09 -14.83
N TYR B 120 -1.39 -3.75 -15.05
CA TYR B 120 -1.79 -2.53 -15.74
C TYR B 120 -2.92 -1.86 -14.96
N ARG B 121 -3.12 -0.56 -15.19
CA ARG B 121 -4.21 0.17 -14.56
C ARG B 121 -5.50 0.01 -15.37
N LEU B 122 -6.57 -0.44 -14.70
CA LEU B 122 -7.83 -0.70 -15.40
C LEU B 122 -8.79 0.49 -15.38
N PHE B 123 -8.65 1.38 -14.38
CA PHE B 123 -9.55 2.50 -14.15
C PHE B 123 -8.73 3.73 -13.79
N ARG B 124 -9.28 4.90 -14.09
CA ARG B 124 -8.74 6.14 -13.58
C ARG B 124 -9.81 7.21 -13.72
N LYS B 125 -9.76 8.21 -12.83
CA LYS B 125 -10.69 9.31 -12.91
C LYS B 125 -10.56 10.10 -14.20
N SER B 126 -9.36 10.14 -14.79
CA SER B 126 -9.15 10.85 -16.05
C SER B 126 -7.98 10.24 -16.80
N ASN B 127 -7.96 10.47 -18.11
CA ASN B 127 -6.83 10.01 -18.91
C ASN B 127 -5.54 10.67 -18.46
N LEU B 128 -4.44 9.96 -18.64
CA LEU B 128 -3.13 10.53 -18.36
C LEU B 128 -2.80 11.57 -19.41
N LYS B 129 -2.11 12.63 -18.97
CA LYS B 129 -1.44 13.54 -19.88
C LYS B 129 -0.19 12.85 -20.42
N PRO B 130 0.40 13.33 -21.53
CA PRO B 130 1.52 12.60 -22.12
C PRO B 130 2.74 12.53 -21.19
N PHE B 131 3.31 11.32 -21.12
CA PHE B 131 4.44 10.96 -20.27
C PHE B 131 4.15 11.10 -18.78
N GLU B 132 2.89 11.31 -18.39
CA GLU B 132 2.47 11.19 -17.01
C GLU B 132 2.56 9.73 -16.54
N ARG B 133 2.94 9.53 -15.28
CA ARG B 133 3.00 8.19 -14.68
C ARG B 133 2.22 8.15 -13.37
N ASP B 134 1.26 7.24 -13.28
CA ASP B 134 0.42 7.13 -12.08
C ASP B 134 0.67 5.78 -11.42
N ILE B 135 1.19 5.81 -10.18
CA ILE B 135 1.52 4.59 -9.46
C ILE B 135 0.67 4.41 -8.21
N SER B 136 -0.44 5.12 -8.11
CA SER B 136 -1.24 5.04 -6.90
C SER B 136 -2.15 3.81 -6.93
N THR B 137 -2.62 3.43 -5.74
CA THR B 137 -3.47 2.25 -5.56
C THR B 137 -4.72 2.58 -4.73
N GLU B 138 -5.35 3.71 -5.00
CA GLU B 138 -6.62 4.01 -4.35
C GLU B 138 -7.75 3.20 -4.96
N ILE B 139 -8.65 2.73 -4.10
CA ILE B 139 -9.87 2.10 -4.56
C ILE B 139 -10.62 3.07 -5.45
N TYR B 140 -10.96 2.63 -6.66
CA TYR B 140 -11.60 3.47 -7.65
C TYR B 140 -13.10 3.47 -7.44
N GLN B 141 -13.69 4.66 -7.52
CA GLN B 141 -15.10 4.88 -7.25
C GLN B 141 -15.86 4.84 -8.57
N ALA B 142 -16.39 3.66 -8.91
CA ALA B 142 -17.12 3.48 -10.16
C ALA B 142 -18.53 4.04 -10.13
N GLY B 143 -19.11 4.18 -8.95
CA GLY B 143 -20.46 4.71 -8.79
C GLY B 143 -20.47 5.96 -7.93
N SER B 144 -21.60 6.28 -7.30
CA SER B 144 -21.69 7.50 -6.52
C SER B 144 -21.41 7.29 -5.03
N THR B 145 -21.31 6.05 -4.59
CA THR B 145 -21.00 5.77 -3.19
C THR B 145 -19.49 5.86 -2.99
N PRO B 146 -19.00 6.70 -2.10
CA PRO B 146 -17.54 6.78 -1.89
C PRO B 146 -17.00 5.47 -1.35
N CYS B 147 -15.71 5.23 -1.62
CA CYS B 147 -15.06 3.96 -1.31
C CYS B 147 -14.31 3.98 0.02
N ASN B 148 -13.65 5.09 0.34
CA ASN B 148 -13.00 5.31 1.64
C ASN B 148 -11.96 4.23 1.94
N GLY B 149 -11.25 3.79 0.90
CA GLY B 149 -10.20 2.80 1.04
C GLY B 149 -10.65 1.38 1.22
N VAL B 150 -11.91 1.06 0.92
CA VAL B 150 -12.43 -0.27 1.10
C VAL B 150 -13.00 -0.76 -0.22
N GLU B 151 -12.62 -1.98 -0.63
CA GLU B 151 -13.24 -2.59 -1.80
C GLU B 151 -14.70 -2.89 -1.53
N GLY B 152 -15.53 -2.74 -2.55
CA GLY B 152 -16.92 -3.11 -2.42
C GLY B 152 -17.67 -2.96 -3.73
N PHE B 153 -18.99 -2.92 -3.63
CA PHE B 153 -19.79 -2.73 -4.83
C PHE B 153 -19.43 -1.40 -5.48
N ASN B 154 -19.03 -1.46 -6.76
CA ASN B 154 -18.60 -0.29 -7.53
C ASN B 154 -17.37 0.40 -6.94
N CYS B 155 -16.52 -0.37 -6.26
CA CYS B 155 -15.35 0.13 -5.54
C CYS B 155 -14.20 -0.85 -5.79
N TYR B 156 -13.36 -0.53 -6.76
CA TYR B 156 -12.47 -1.51 -7.38
C TYR B 156 -11.01 -1.21 -7.09
N PHE B 157 -10.26 -2.23 -6.70
CA PHE B 157 -8.82 -2.11 -6.79
C PHE B 157 -8.45 -1.79 -8.25
N PRO B 158 -7.60 -0.80 -8.50
CA PRO B 158 -7.43 -0.31 -9.88
C PRO B 158 -6.33 -0.98 -10.71
N LEU B 159 -5.52 -1.87 -10.14
CA LEU B 159 -4.45 -2.54 -10.86
C LEU B 159 -4.77 -4.03 -11.01
N GLN B 160 -4.58 -4.56 -12.20
CA GLN B 160 -4.98 -5.92 -12.54
C GLN B 160 -3.86 -6.58 -13.34
N SER B 161 -3.67 -7.87 -13.13
CA SER B 161 -2.58 -8.57 -13.77
C SER B 161 -3.03 -9.21 -15.08
N TYR B 162 -2.07 -9.35 -16.01
CA TYR B 162 -2.36 -10.01 -17.27
C TYR B 162 -2.56 -11.51 -17.08
N GLY B 163 -1.81 -12.11 -16.18
CA GLY B 163 -1.78 -13.56 -16.04
C GLY B 163 -1.15 -14.27 -17.23
N PHE B 164 -0.05 -13.73 -17.76
CA PHE B 164 0.54 -14.26 -18.99
C PHE B 164 0.84 -15.75 -18.87
N GLN B 165 0.47 -16.49 -19.91
CA GLN B 165 0.53 -17.92 -19.91
C GLN B 165 1.05 -18.38 -21.27
N PRO B 166 1.99 -19.34 -21.32
CA PRO B 166 2.70 -19.61 -22.58
C PRO B 166 1.81 -20.05 -23.74
N THR B 167 0.70 -20.74 -23.47
CA THR B 167 -0.17 -21.23 -24.53
C THR B 167 -1.13 -20.16 -25.08
N ASN B 168 -1.08 -18.93 -24.60
CA ASN B 168 -1.96 -17.88 -25.13
C ASN B 168 -1.59 -17.54 -26.57
N GLY B 169 -2.60 -17.16 -27.36
CA GLY B 169 -2.34 -16.65 -28.69
C GLY B 169 -1.51 -15.37 -28.67
N VAL B 170 -0.82 -15.10 -29.78
CA VAL B 170 0.23 -14.08 -29.76
C VAL B 170 -0.31 -12.72 -29.37
N GLY B 171 -1.55 -12.41 -29.76
CA GLY B 171 -2.13 -11.14 -29.38
C GLY B 171 -2.31 -10.98 -27.89
N TYR B 172 -2.24 -12.09 -27.14
CA TYR B 172 -2.32 -12.06 -25.68
C TYR B 172 -1.00 -12.34 -25.01
N GLN B 173 0.07 -12.53 -25.76
CA GLN B 173 1.35 -12.84 -25.15
C GLN B 173 2.06 -11.56 -24.75
N PRO B 174 3.07 -11.64 -23.88
CA PRO B 174 3.74 -10.40 -23.44
C PRO B 174 4.75 -9.88 -24.45
N TYR B 175 4.78 -8.56 -24.59
CA TYR B 175 5.74 -7.83 -25.42
C TYR B 175 6.48 -6.84 -24.55
N ARG B 176 7.81 -6.88 -24.62
CA ARG B 176 8.62 -5.82 -24.05
C ARG B 176 8.71 -4.66 -25.06
N VAL B 177 8.60 -3.44 -24.54
CA VAL B 177 8.50 -2.25 -25.37
C VAL B 177 9.53 -1.25 -24.86
N VAL B 178 10.28 -0.62 -25.77
CA VAL B 178 11.15 0.49 -25.43
C VAL B 178 10.69 1.67 -26.27
N VAL B 179 10.35 2.79 -25.63
CA VAL B 179 10.02 4.02 -26.33
C VAL B 179 11.18 4.99 -26.17
N LEU B 180 11.67 5.50 -27.30
CA LEU B 180 12.78 6.45 -27.35
C LEU B 180 12.23 7.82 -27.72
N SER B 181 12.45 8.80 -26.86
CA SER B 181 12.07 10.17 -27.18
C SER B 181 13.31 11.06 -27.12
N PHE B 182 13.32 12.08 -27.98
CA PHE B 182 14.51 12.89 -28.22
C PHE B 182 14.23 14.32 -27.83
N GLU B 183 15.09 14.88 -26.99
CA GLU B 183 14.92 16.22 -26.47
C GLU B 183 15.94 17.15 -27.12
N LEU B 184 15.47 18.20 -27.77
CA LEU B 184 16.33 19.31 -28.17
C LEU B 184 15.95 20.52 -27.33
N LEU B 185 16.82 20.87 -26.39
CA LEU B 185 16.64 22.03 -25.55
C LEU B 185 17.39 23.22 -26.14
N HIS B 186 17.32 24.36 -25.44
CA HIS B 186 18.16 25.50 -25.74
C HIS B 186 19.61 25.27 -25.33
N ALA B 187 19.87 24.21 -24.57
CA ALA B 187 21.18 23.90 -24.00
C ALA B 187 22.07 23.29 -25.08
N PRO B 188 23.31 22.90 -24.74
CA PRO B 188 24.13 22.15 -25.70
C PRO B 188 23.67 20.71 -25.86
N ALA B 189 23.98 20.15 -27.03
CA ALA B 189 23.65 18.77 -27.35
C ALA B 189 24.80 17.86 -26.92
N THR B 190 24.48 16.82 -26.17
CA THR B 190 25.48 15.89 -25.65
C THR B 190 25.29 14.46 -26.14
N VAL B 191 24.25 14.18 -26.94
CA VAL B 191 24.03 12.85 -27.48
C VAL B 191 24.12 12.97 -29.00
N CYS B 192 25.27 12.60 -29.57
CA CYS B 192 25.48 12.65 -31.00
C CYS B 192 25.78 11.24 -31.54
N GLY B 193 25.70 11.12 -32.87
CA GLY B 193 25.86 9.86 -33.54
C GLY B 193 27.31 9.42 -33.66
N PRO B 194 27.52 8.25 -34.27
CA PRO B 194 28.86 7.63 -34.24
C PRO B 194 29.90 8.32 -35.11
N LYS B 195 29.50 9.17 -36.05
CA LYS B 195 30.43 9.86 -36.94
C LYS B 195 30.96 11.17 -36.36
N LYS B 196 30.68 11.45 -35.08
CA LYS B 196 31.29 12.56 -34.33
C LYS B 196 32.32 11.97 -33.36
N SER B 197 33.58 12.24 -33.62
CA SER B 197 34.60 11.69 -32.71
C SER B 197 35.58 12.79 -32.26
N ALA B 198 36.14 12.62 -31.07
CA ALA B 198 37.08 13.60 -30.51
C ALA B 198 38.47 13.00 -30.46
N ALA B 199 38.67 11.86 -31.12
CA ALA B 199 39.99 11.20 -31.11
C ALA B 199 40.61 11.33 -32.50
N ALA B 200 41.92 11.53 -32.57
CA ALA B 200 42.62 11.69 -33.87
C ALA B 200 42.57 10.39 -34.68
N HIS B 201 42.42 10.53 -35.99
CA HIS B 201 42.42 9.35 -36.90
C HIS B 201 43.65 9.44 -37.78
N HIS B 202 44.19 8.31 -38.19
CA HIS B 202 45.39 8.35 -39.06
C HIS B 202 45.13 7.53 -40.30
N GLY C 1 9.28 23.69 -4.72
CA GLY C 1 10.25 22.70 -4.29
C GLY C 1 11.65 23.28 -4.31
N SER C 2 11.96 23.97 -5.41
CA SER C 2 13.29 24.55 -5.59
C SER C 2 13.50 25.83 -4.79
N GLU C 3 12.44 26.45 -4.27
CA GLU C 3 12.61 27.66 -3.49
C GLU C 3 12.50 27.41 -1.99
N VAL C 4 12.63 26.16 -1.56
CA VAL C 4 12.79 25.86 -0.14
C VAL C 4 14.12 26.44 0.33
N GLN C 5 14.07 27.19 1.43
CA GLN C 5 15.28 27.79 1.97
C GLN C 5 15.27 27.71 3.49
N LEU C 6 16.35 27.19 4.06
CA LEU C 6 16.57 27.16 5.50
C LEU C 6 17.88 27.90 5.77
N VAL C 7 17.83 28.90 6.66
CA VAL C 7 18.97 29.77 6.94
C VAL C 7 19.23 29.76 8.43
N GLU C 8 20.25 29.01 8.87
CA GLU C 8 20.63 28.95 10.27
C GLU C 8 21.52 30.11 10.67
N SER C 9 21.40 30.55 11.92
CA SER C 9 22.23 31.64 12.41
C SER C 9 22.44 31.51 13.92
N GLY C 10 23.45 32.21 14.42
CA GLY C 10 23.79 32.20 15.83
C GLY C 10 25.16 31.62 16.12
N GLY C 11 25.79 30.98 15.16
CA GLY C 11 27.07 30.35 15.42
C GLY C 11 28.14 31.36 15.77
N GLY C 12 29.09 30.92 16.58
CA GLY C 12 30.26 31.71 16.87
C GLY C 12 31.09 31.00 17.92
N VAL C 13 32.18 31.65 18.31
CA VAL C 13 32.98 31.16 19.43
C VAL C 13 32.26 31.55 20.72
N VAL C 14 32.11 30.58 21.62
CA VAL C 14 31.55 30.79 22.95
C VAL C 14 32.37 29.99 23.95
N GLN C 15 32.42 30.49 25.18
CA GLN C 15 33.18 29.81 26.22
C GLN C 15 32.40 28.61 26.75
N PRO C 16 33.10 27.61 27.28
CA PRO C 16 32.42 26.48 27.94
C PRO C 16 31.51 26.95 29.04
N GLY C 17 30.42 26.21 29.24
CA GLY C 17 29.42 26.58 30.22
C GLY C 17 28.34 27.51 29.71
N ARG C 18 28.63 28.30 28.68
CA ARG C 18 27.68 29.32 28.30
C ARG C 18 26.50 28.72 27.53
N SER C 19 25.51 29.57 27.34
CA SER C 19 24.27 29.28 26.65
C SER C 19 24.25 30.01 25.33
N LEU C 20 23.62 29.40 24.35
CA LEU C 20 23.57 29.95 23.01
C LEU C 20 22.33 29.40 22.32
N ARG C 21 21.55 30.30 21.73
CA ARG C 21 20.35 29.92 21.03
C ARG C 21 20.57 30.10 19.53
N LEU C 22 20.47 28.99 18.78
CA LEU C 22 20.51 29.03 17.32
C LEU C 22 19.11 29.24 16.80
N SER C 23 19.03 29.89 15.62
CA SER C 23 17.79 30.16 14.91
C SER C 23 17.87 29.56 13.53
N CYS C 24 16.73 29.07 13.03
CA CYS C 24 16.62 28.54 11.67
C CYS C 24 15.42 29.15 10.97
N ALA C 25 15.65 30.10 10.07
CA ALA C 25 14.56 30.81 9.39
C ALA C 25 14.22 30.10 8.09
N ALA C 26 12.96 29.69 7.97
CA ALA C 26 12.45 28.87 6.88
C ALA C 26 11.59 29.72 5.96
N SER C 27 11.56 29.34 4.69
CA SER C 27 10.76 30.05 3.69
C SER C 27 10.66 29.18 2.46
N GLY C 28 9.58 29.40 1.70
CA GLY C 28 9.41 28.67 0.47
C GLY C 28 8.58 27.41 0.59
N PHE C 29 8.11 27.10 1.78
CA PHE C 29 7.23 25.95 1.99
C PHE C 29 6.32 26.26 3.16
N THR C 30 5.42 25.33 3.46
CA THR C 30 4.45 25.54 4.54
C THR C 30 5.05 25.00 5.83
N PHE C 31 5.75 25.87 6.52
CA PHE C 31 6.49 25.50 7.73
C PHE C 31 5.63 24.70 8.70
N SER C 32 4.36 25.05 8.85
CA SER C 32 3.54 24.48 9.91
C SER C 32 3.12 23.02 9.64
N TYR C 33 3.32 22.47 8.43
CA TYR C 33 3.03 21.06 8.20
C TYR C 33 4.24 20.16 8.46
N TYR C 34 5.44 20.71 8.55
CA TYR C 34 6.66 19.94 8.66
C TYR C 34 7.13 19.89 10.11
N GLY C 35 7.53 18.70 10.55
CA GLY C 35 8.42 18.60 11.68
C GLY C 35 9.82 19.07 11.32
N MET C 36 10.56 19.48 12.33
CA MET C 36 11.86 20.09 12.12
C MET C 36 12.87 19.39 13.00
N HIS C 37 14.08 19.19 12.48
CA HIS C 37 15.17 18.60 13.24
C HIS C 37 16.37 19.52 13.25
N TRP C 38 17.19 19.35 14.28
CA TRP C 38 18.58 19.81 14.28
C TRP C 38 19.47 18.58 14.16
N VAL C 39 20.47 18.66 13.31
CA VAL C 39 21.45 17.61 13.09
C VAL C 39 22.79 18.31 13.13
N ARG C 40 23.81 17.69 13.72
CA ARG C 40 25.08 18.38 13.83
C ARG C 40 26.22 17.52 13.32
N GLN C 41 27.32 18.19 12.99
CA GLN C 41 28.51 17.55 12.47
C GLN C 41 29.73 18.20 13.10
N ALA C 42 30.41 17.46 13.98
CA ALA C 42 31.65 17.96 14.55
C ALA C 42 32.72 18.01 13.48
N PRO C 43 33.69 18.95 13.60
CA PRO C 43 34.74 19.07 12.57
C PRO C 43 35.38 17.74 12.22
N GLY C 44 35.34 17.38 10.94
CA GLY C 44 35.92 16.14 10.46
C GLY C 44 35.24 14.86 10.94
N LYS C 45 33.93 14.90 11.21
CA LYS C 45 33.23 13.74 11.77
C LYS C 45 31.94 13.50 10.97
N GLY C 46 31.22 12.45 11.34
CA GLY C 46 29.97 12.10 10.70
C GLY C 46 28.81 12.94 11.22
N LEU C 47 27.60 12.54 10.82
CA LEU C 47 26.40 13.27 11.17
C LEU C 47 25.83 12.71 12.46
N GLU C 48 25.31 13.60 13.30
CA GLU C 48 24.72 13.19 14.56
C GLU C 48 23.42 13.94 14.78
N TRP C 49 22.32 13.20 14.83
CA TRP C 49 21.03 13.79 15.15
C TRP C 49 21.05 14.39 16.54
N VAL C 50 20.31 15.48 16.71
CA VAL C 50 20.29 16.25 17.95
C VAL C 50 18.89 16.23 18.59
N ALA C 51 17.86 16.60 17.82
CA ALA C 51 16.54 16.87 18.37
C ALA C 51 15.51 16.99 17.26
N VAL C 52 14.25 16.73 17.63
CA VAL C 52 13.10 16.82 16.72
C VAL C 52 11.97 17.54 17.44
N ILE C 53 11.17 18.29 16.68
CA ILE C 53 9.95 18.89 17.19
C ILE C 53 8.81 18.65 16.20
N TRP C 54 7.65 18.26 16.74
CA TRP C 54 6.47 18.04 15.91
C TRP C 54 6.03 19.34 15.23
N TYR C 55 5.31 19.16 14.10
CA TYR C 55 4.83 20.27 13.31
C TYR C 55 4.05 21.28 14.15
N ASP C 56 3.28 20.80 15.12
CA ASP C 56 2.44 21.70 15.92
C ASP C 56 3.03 22.01 17.29
N GLY C 57 4.28 21.62 17.55
CA GLY C 57 4.95 21.94 18.79
C GLY C 57 4.62 21.04 19.96
N SER C 58 3.76 20.04 19.75
CA SER C 58 3.23 19.20 20.82
C SER C 58 4.22 18.19 21.37
N ASN C 59 5.29 17.89 20.65
CA ASN C 59 6.14 16.77 21.03
C ASN C 59 7.59 17.04 20.61
N ARG C 60 8.53 16.65 21.47
CA ARG C 60 9.96 16.88 21.31
C ARG C 60 10.74 15.65 21.74
N PHE C 61 11.77 15.32 20.98
CA PHE C 61 12.69 14.27 21.38
C PHE C 61 14.12 14.76 21.21
N TYR C 62 15.02 14.21 22.01
CA TYR C 62 16.40 14.68 22.07
C TYR C 62 17.35 13.49 22.08
N ALA C 63 18.53 13.69 21.52
CA ALA C 63 19.60 12.71 21.68
C ALA C 63 20.14 12.79 23.11
N ASP C 64 20.70 11.66 23.58
CA ASP C 64 21.07 11.58 24.99
C ASP C 64 22.29 12.43 25.31
N SER C 65 23.14 12.70 24.33
CA SER C 65 24.27 13.58 24.58
C SER C 65 23.87 15.04 24.78
N VAL C 66 22.62 15.41 24.50
CA VAL C 66 22.17 16.78 24.71
C VAL C 66 20.94 16.89 25.59
N LYS C 67 20.40 15.77 26.07
CA LYS C 67 19.18 15.84 26.88
C LYS C 67 19.47 16.51 28.23
N GLY C 68 18.48 17.27 28.71
CA GLY C 68 18.66 18.06 29.91
C GLY C 68 19.50 19.31 29.75
N ARG C 69 20.11 19.52 28.59
CA ARG C 69 20.91 20.70 28.27
C ARG C 69 20.35 21.50 27.10
N PHE C 70 19.79 20.84 26.09
CA PHE C 70 19.26 21.50 24.91
C PHE C 70 17.74 21.50 24.96
N THR C 71 17.14 22.53 24.38
CA THR C 71 15.70 22.62 24.20
C THR C 71 15.40 23.09 22.79
N ILE C 72 14.57 22.34 22.07
CA ILE C 72 14.14 22.71 20.73
C ILE C 72 12.77 23.37 20.82
N SER C 73 12.48 24.27 19.89
CA SER C 73 11.20 24.97 19.90
C SER C 73 11.02 25.64 18.53
N ARG C 74 9.81 26.16 18.30
CA ARG C 74 9.48 26.75 17.01
C ARG C 74 8.40 27.80 17.20
N ASP C 75 8.44 28.83 16.34
CA ASP C 75 7.37 29.82 16.24
C ASP C 75 6.81 29.71 14.82
N ASN C 76 5.64 29.09 14.69
CA ASN C 76 5.06 28.88 13.36
C ASN C 76 4.66 30.19 12.71
N SER C 77 4.51 31.26 13.48
CA SER C 77 4.09 32.52 12.89
C SER C 77 5.26 33.24 12.21
N LYS C 78 6.48 33.04 12.70
CA LYS C 78 7.69 33.57 12.06
C LYS C 78 8.37 32.54 11.16
N SER C 79 7.85 31.32 11.08
CA SER C 79 8.47 30.26 10.29
C SER C 79 9.94 30.05 10.71
N THR C 80 10.15 29.98 12.02
CA THR C 80 11.49 29.90 12.58
C THR C 80 11.60 28.73 13.54
N LEU C 81 12.70 28.00 13.44
CA LEU C 81 13.03 26.95 14.40
C LEU C 81 14.16 27.44 15.30
N TYR C 82 14.14 27.04 16.58
CA TYR C 82 15.15 27.44 17.54
C TYR C 82 15.79 26.22 18.20
N LEU C 83 17.06 26.36 18.53
CA LEU C 83 17.74 25.41 19.41
C LEU C 83 18.39 26.21 20.54
N GLN C 84 17.95 25.97 21.77
CA GLN C 84 18.56 26.61 22.92
C GLN C 84 19.58 25.64 23.51
N MET C 85 20.85 26.02 23.46
CA MET C 85 21.93 25.20 24.00
C MET C 85 22.33 25.77 25.34
N ASN C 86 22.50 24.91 26.33
CA ASN C 86 22.89 25.34 27.66
C ASN C 86 24.04 24.47 28.12
N SER C 87 24.88 25.03 28.97
CA SER C 87 26.06 24.36 29.53
C SER C 87 26.91 23.75 28.42
N LEU C 88 27.23 24.58 27.42
CA LEU C 88 27.96 24.06 26.27
C LEU C 88 29.28 23.46 26.70
N ARG C 89 29.63 22.34 26.07
CA ARG C 89 30.92 21.69 26.23
C ARG C 89 31.67 21.80 24.92
N ALA C 90 32.98 21.50 24.98
CA ALA C 90 33.77 21.44 23.76
C ALA C 90 33.22 20.43 22.76
N GLU C 91 32.70 19.30 23.26
CA GLU C 91 32.05 18.28 22.43
C GLU C 91 30.81 18.78 21.70
N ASP C 92 30.37 20.00 21.92
CA ASP C 92 29.27 20.54 21.15
C ASP C 92 29.77 21.39 19.98
N THR C 93 31.07 21.58 19.84
CA THR C 93 31.63 22.21 18.65
C THR C 93 31.22 21.42 17.42
N ALA C 94 30.51 22.08 16.50
CA ALA C 94 29.94 21.42 15.33
C ALA C 94 29.31 22.46 14.42
N VAL C 95 29.17 22.08 13.16
CA VAL C 95 28.25 22.78 12.27
C VAL C 95 26.86 22.25 12.59
N TYR C 96 25.91 23.15 12.87
CA TYR C 96 24.55 22.75 13.18
C TYR C 96 23.64 23.02 12.00
N TYR C 97 22.86 22.02 11.61
CA TYR C 97 21.95 22.08 10.48
C TYR C 97 20.51 21.90 10.98
N CYS C 98 19.56 22.65 10.40
CA CYS C 98 18.17 22.26 10.53
C CYS C 98 17.73 21.50 9.29
N ALA C 99 16.79 20.59 9.46
CA ALA C 99 16.26 19.82 8.33
C ALA C 99 14.77 19.60 8.53
N THR C 100 14.05 19.48 7.41
CA THR C 100 12.60 19.34 7.40
C THR C 100 12.19 17.86 7.45
N ASP C 101 10.97 17.64 7.90
CA ASP C 101 10.43 16.29 8.03
C ASP C 101 8.96 16.29 7.64
N PRO C 102 8.61 15.74 6.47
CA PRO C 102 7.25 15.95 5.92
C PRO C 102 6.23 15.08 6.62
N PRO C 103 4.96 15.43 6.51
CA PRO C 103 3.90 14.73 7.24
C PRO C 103 3.95 13.21 7.06
N GLY C 104 3.86 12.50 8.17
CA GLY C 104 3.64 11.07 8.15
C GLY C 104 4.91 10.26 7.95
N LEU C 105 4.73 8.95 8.01
CA LEU C 105 5.79 8.01 7.63
C LEU C 105 7.05 8.22 8.44
N ARG C 106 6.88 8.58 9.73
CA ARG C 106 7.99 8.78 10.66
C ARG C 106 9.04 9.73 10.09
N PHE C 107 10.33 9.45 10.27
CA PHE C 107 11.34 10.49 10.22
C PHE C 107 12.15 10.51 8.93
N ARG C 108 12.40 11.73 8.44
CA ARG C 108 13.10 11.97 7.19
C ARG C 108 13.69 13.38 7.23
N PHE C 109 14.84 13.56 6.59
CA PHE C 109 15.46 14.89 6.45
C PHE C 109 15.50 15.24 4.96
N ASP C 110 14.38 15.76 4.42
CA ASP C 110 14.36 15.93 2.98
C ASP C 110 14.87 17.28 2.48
N TYR C 111 14.81 18.35 3.29
CA TYR C 111 15.49 19.60 2.96
C TYR C 111 16.39 20.03 4.11
N TRP C 112 17.59 20.50 3.78
CA TRP C 112 18.61 20.88 4.74
C TRP C 112 19.02 22.34 4.58
N GLY C 113 19.28 23.02 5.69
CA GLY C 113 19.81 24.35 5.67
C GLY C 113 21.29 24.38 5.32
N GLN C 114 21.90 25.54 5.53
CA GLN C 114 23.30 25.71 5.19
C GLN C 114 24.24 25.48 6.37
N GLY C 115 23.75 25.52 7.59
CA GLY C 115 24.54 25.26 8.78
C GLY C 115 25.15 26.53 9.35
N THR C 116 25.26 26.56 10.69
CA THR C 116 26.08 27.53 11.41
C THR C 116 27.11 26.81 12.26
N LEU C 117 28.31 27.36 12.29
CA LEU C 117 29.41 26.78 13.06
C LEU C 117 29.35 27.31 14.48
N VAL C 118 29.30 26.39 15.44
CA VAL C 118 29.39 26.73 16.85
C VAL C 118 30.70 26.19 17.36
N THR C 119 31.59 27.07 17.80
CA THR C 119 32.89 26.68 18.34
C THR C 119 32.90 26.97 19.84
N VAL C 120 33.12 25.93 20.65
CA VAL C 120 33.25 26.07 22.11
C VAL C 120 34.73 26.03 22.44
N SER C 121 35.26 27.13 22.95
CA SER C 121 36.71 27.37 22.97
C SER C 121 37.50 26.46 23.91
N SER C 137 20.22 -0.47 22.95
CA SER C 137 18.90 0.07 22.64
C SER C 137 18.89 0.94 21.37
N ASP C 138 19.94 1.72 21.17
CA ASP C 138 20.06 2.59 20.00
C ASP C 138 20.42 1.76 18.76
N ILE C 139 19.73 2.02 17.66
CA ILE C 139 19.96 1.26 16.45
C ILE C 139 21.30 1.63 15.84
N VAL C 140 22.16 0.65 15.64
CA VAL C 140 23.51 0.87 15.10
C VAL C 140 23.46 0.74 13.59
N MET C 141 24.28 1.49 12.88
CA MET C 141 24.22 1.54 11.42
C MET C 141 25.63 1.36 10.85
N THR C 142 25.91 0.16 10.36
CA THR C 142 27.25 -0.21 9.91
C THR C 142 27.32 -0.08 8.39
N GLN C 143 28.24 0.77 7.91
CA GLN C 143 28.43 0.98 6.49
C GLN C 143 29.72 0.33 6.01
N SER C 144 29.71 -0.07 4.76
CA SER C 144 30.85 -0.75 4.18
C SER C 144 30.81 -0.62 2.66
N PRO C 145 31.88 -0.16 2.00
CA PRO C 145 33.13 0.30 2.63
C PRO C 145 32.95 1.63 3.33
N LEU C 146 34.01 2.13 3.97
CA LEU C 146 34.03 3.49 4.47
C LEU C 146 34.77 4.43 3.54
N SER C 147 35.69 3.89 2.76
CA SER C 147 36.31 4.59 1.65
C SER C 147 36.03 3.80 0.37
N LEU C 148 35.84 4.52 -0.71
CA LEU C 148 35.47 3.88 -1.95
C LEU C 148 36.03 4.70 -3.09
N PRO C 149 37.30 4.49 -3.46
CA PRO C 149 37.81 5.10 -4.68
C PRO C 149 37.23 4.35 -5.87
N VAL C 150 37.05 5.09 -6.96
CA VAL C 150 36.45 4.52 -8.17
C VAL C 150 36.72 5.48 -9.31
N THR C 151 36.84 4.93 -10.52
CA THR C 151 37.05 5.70 -11.73
C THR C 151 35.72 6.00 -12.41
N PRO C 152 35.64 7.12 -13.12
CA PRO C 152 34.38 7.52 -13.76
C PRO C 152 33.86 6.46 -14.72
N GLY C 153 32.54 6.39 -14.85
CA GLY C 153 31.89 5.52 -15.79
C GLY C 153 31.54 4.15 -15.24
N GLU C 154 32.32 3.66 -14.26
CA GLU C 154 32.14 2.32 -13.70
C GLU C 154 31.15 2.36 -12.56
N PRO C 155 30.51 1.22 -12.26
CA PRO C 155 29.57 1.19 -11.13
C PRO C 155 30.26 1.40 -9.78
N ALA C 156 29.46 1.34 -8.72
CA ALA C 156 29.90 1.45 -7.34
C ALA C 156 28.74 1.06 -6.46
N SER C 157 29.02 0.35 -5.36
CA SER C 157 27.94 0.03 -4.44
C SER C 157 28.45 0.24 -3.01
N ILE C 158 27.50 0.47 -2.10
CA ILE C 158 27.78 0.74 -0.69
C ILE C 158 26.85 -0.13 0.12
N SER C 159 27.38 -0.73 1.20
CA SER C 159 26.57 -1.61 2.06
C SER C 159 26.26 -0.91 3.37
N CYS C 160 25.02 -1.05 3.82
CA CYS C 160 24.59 -0.53 5.12
C CYS C 160 23.78 -1.61 5.83
N ARG C 161 24.19 -1.93 7.06
CA ARG C 161 23.50 -2.96 7.85
C ARG C 161 23.07 -2.32 9.17
N SER C 162 21.78 -2.38 9.46
CA SER C 162 21.33 -1.92 10.75
C SER C 162 21.50 -3.03 11.79
N SER C 163 21.46 -2.65 13.07
CA SER C 163 21.54 -3.61 14.15
C SER C 163 20.22 -4.35 14.32
N GLN C 164 19.15 -3.80 13.75
CA GLN C 164 17.82 -4.28 14.04
C GLN C 164 16.95 -3.92 12.85
N SER C 165 15.94 -4.75 12.57
CA SER C 165 15.20 -4.65 11.33
C SER C 165 14.46 -3.33 11.25
N LEU C 166 14.51 -2.72 10.07
CA LEU C 166 13.83 -1.44 9.83
C LEU C 166 12.52 -1.61 9.07
N LEU C 167 12.10 -2.85 8.81
CA LEU C 167 10.83 -3.12 8.12
C LEU C 167 9.71 -3.24 9.13
N HIS C 168 8.74 -2.35 9.04
CA HIS C 168 7.53 -2.37 9.83
C HIS C 168 6.43 -3.17 9.13
N SER C 169 5.42 -3.57 9.88
CA SER C 169 4.26 -4.21 9.27
C SER C 169 3.48 -3.26 8.36
N ASN C 170 3.98 -2.03 8.21
CA ASN C 170 3.52 -1.12 7.17
C ASN C 170 3.75 -1.69 5.78
N GLY C 171 4.82 -2.47 5.63
CA GLY C 171 5.46 -2.70 4.37
C GLY C 171 6.66 -1.82 4.14
N TYR C 172 6.69 -0.64 4.77
CA TYR C 172 7.78 0.32 4.60
C TYR C 172 9.03 -0.11 5.35
N ASN C 173 10.19 0.20 4.76
CA ASN C 173 11.48 0.14 5.44
C ASN C 173 11.92 1.56 5.74
N TYR C 174 12.08 1.88 7.02
CA TYR C 174 12.45 3.25 7.39
C TYR C 174 13.98 3.41 7.33
N LEU C 175 14.48 3.48 6.10
CA LEU C 175 15.91 3.68 5.83
C LEU C 175 16.07 4.72 4.74
N ASP C 176 16.99 5.68 4.95
CA ASP C 176 17.27 6.73 3.99
C ASP C 176 18.76 6.74 3.66
N TRP C 177 19.08 7.31 2.50
CA TRP C 177 20.46 7.61 2.14
C TRP C 177 20.65 9.13 1.99
N TYR C 178 21.72 9.66 2.57
CA TYR C 178 22.07 11.05 2.43
C TYR C 178 23.45 11.17 1.79
N LEU C 179 23.64 12.25 1.06
CA LEU C 179 24.90 12.52 0.40
C LEU C 179 25.35 13.91 0.82
N GLN C 180 26.61 14.04 1.19
CA GLN C 180 27.21 15.32 1.54
C GLN C 180 28.35 15.55 0.58
N LYS C 181 28.10 16.39 -0.42
CA LYS C 181 29.12 16.76 -1.38
C LYS C 181 30.13 17.68 -0.72
N PRO C 182 31.34 17.75 -1.29
CA PRO C 182 32.42 18.53 -0.66
C PRO C 182 32.07 20.00 -0.44
N GLY C 183 32.14 20.42 0.83
CA GLY C 183 31.85 21.80 1.19
C GLY C 183 30.38 22.16 1.24
N GLN C 184 29.48 21.18 1.14
CA GLN C 184 28.06 21.43 1.03
C GLN C 184 27.32 20.75 2.18
N SER C 185 26.09 21.21 2.41
CA SER C 185 25.22 20.58 3.38
C SER C 185 24.81 19.19 2.90
N PRO C 186 24.34 18.33 3.81
CA PRO C 186 23.77 17.05 3.38
C PRO C 186 22.51 17.25 2.56
N GLN C 187 22.19 16.25 1.75
CA GLN C 187 20.90 16.23 1.06
C GLN C 187 20.34 14.81 1.07
N LEU C 188 19.01 14.70 1.08
CA LEU C 188 18.36 13.40 0.93
C LEU C 188 18.60 12.85 -0.48
N LEU C 189 18.85 11.54 -0.56
CA LEU C 189 19.13 10.86 -1.81
C LEU C 189 18.11 9.76 -2.08
N ILE C 190 17.95 8.81 -1.15
CA ILE C 190 16.94 7.76 -1.20
C ILE C 190 16.17 7.80 0.12
N TYR C 191 14.86 7.58 0.06
CA TYR C 191 14.06 7.53 1.27
C TYR C 191 13.17 6.30 1.26
N LEU C 192 12.82 5.84 2.47
CA LEU C 192 12.07 4.60 2.70
C LEU C 192 12.64 3.45 1.88
N GLY C 193 13.94 3.34 1.87
CA GLY C 193 14.62 2.20 1.27
C GLY C 193 15.01 2.33 -0.17
N SER C 194 14.08 2.75 -1.03
CA SER C 194 14.29 2.70 -2.48
C SER C 194 13.74 3.87 -3.28
N ASN C 195 12.98 4.79 -2.68
CA ASN C 195 12.42 5.90 -3.43
C ASN C 195 13.46 6.99 -3.64
N ARG C 196 13.72 7.34 -4.91
CA ARG C 196 14.61 8.44 -5.21
C ARG C 196 13.97 9.77 -4.83
N ALA C 197 14.76 10.64 -4.20
CA ALA C 197 14.26 11.96 -3.84
C ALA C 197 14.09 12.80 -5.09
N SER C 198 13.36 13.91 -4.96
CA SER C 198 13.18 14.82 -6.08
C SER C 198 14.51 15.32 -6.61
N GLY C 199 14.69 15.22 -7.92
CA GLY C 199 15.87 15.71 -8.58
C GLY C 199 17.01 14.73 -8.66
N VAL C 200 16.93 13.60 -7.98
CA VAL C 200 18.03 12.65 -7.86
C VAL C 200 18.10 11.81 -9.14
N PRO C 201 19.24 11.80 -9.83
CA PRO C 201 19.31 11.12 -11.13
C PRO C 201 19.14 9.61 -11.00
N ASP C 202 18.69 9.00 -12.10
CA ASP C 202 18.22 7.61 -12.05
C ASP C 202 19.35 6.58 -12.03
N ARG C 203 20.61 7.01 -12.10
CA ARG C 203 21.72 6.10 -11.86
C ARG C 203 21.94 5.80 -10.38
N PHE C 204 21.17 6.41 -9.48
CA PHE C 204 21.17 6.02 -8.07
C PHE C 204 19.99 5.10 -7.84
N SER C 205 20.21 4.05 -7.06
CA SER C 205 19.10 3.19 -6.68
C SER C 205 19.37 2.61 -5.31
N GLY C 206 18.30 2.42 -4.56
CA GLY C 206 18.38 1.90 -3.21
C GLY C 206 17.63 0.58 -3.13
N SER C 207 18.24 -0.40 -2.47
CA SER C 207 17.74 -1.76 -2.41
C SER C 207 17.93 -2.28 -1.00
N GLY C 208 17.03 -3.16 -0.57
CA GLY C 208 17.21 -3.85 0.70
C GLY C 208 15.92 -4.07 1.46
N SER C 209 15.97 -4.95 2.45
CA SER C 209 14.86 -5.14 3.36
C SER C 209 15.36 -5.54 4.75
N GLY C 210 14.57 -5.20 5.77
CA GLY C 210 14.90 -5.62 7.12
C GLY C 210 16.15 -4.94 7.66
N THR C 211 17.33 -5.50 7.37
CA THR C 211 18.57 -4.99 7.95
C THR C 211 19.70 -4.76 6.94
N ASP C 212 19.68 -5.37 5.76
CA ASP C 212 20.73 -5.17 4.77
C ASP C 212 20.18 -4.31 3.64
N PHE C 213 20.91 -3.27 3.26
CA PHE C 213 20.40 -2.31 2.31
C PHE C 213 21.53 -1.95 1.38
N THR C 214 21.22 -1.76 0.08
CA THR C 214 22.25 -1.37 -0.87
C THR C 214 21.90 -0.08 -1.58
N LEU C 215 22.91 0.78 -1.75
CA LEU C 215 22.82 1.94 -2.62
C LEU C 215 23.80 1.70 -3.76
N LYS C 216 23.29 1.60 -4.98
CA LYS C 216 24.13 1.39 -6.16
C LYS C 216 24.12 2.65 -7.03
N ILE C 217 25.27 2.94 -7.64
CA ILE C 217 25.41 3.93 -8.69
C ILE C 217 25.81 3.18 -9.97
N SER C 218 24.89 3.11 -10.93
CA SER C 218 25.15 2.33 -12.16
C SER C 218 26.36 2.86 -12.92
N ARG C 219 26.46 4.19 -13.12
CA ARG C 219 27.63 4.78 -13.78
C ARG C 219 28.04 6.01 -12.99
N VAL C 220 29.22 5.96 -12.37
CA VAL C 220 29.63 7.00 -11.43
C VAL C 220 30.20 8.19 -12.20
N GLU C 221 29.61 9.36 -11.99
CA GLU C 221 30.10 10.61 -12.54
C GLU C 221 30.94 11.33 -11.51
N ALA C 222 31.65 12.37 -11.96
CA ALA C 222 32.35 13.25 -11.03
C ALA C 222 31.38 14.01 -10.13
N GLU C 223 30.11 14.16 -10.53
CA GLU C 223 29.15 14.86 -9.69
C GLU C 223 28.92 14.14 -8.36
N ASP C 224 29.17 12.83 -8.31
CA ASP C 224 28.71 11.99 -7.23
C ASP C 224 29.72 11.84 -6.09
N VAL C 225 30.87 12.51 -6.19
CA VAL C 225 31.85 12.48 -5.11
C VAL C 225 31.25 13.07 -3.85
N GLY C 226 31.54 12.44 -2.72
CA GLY C 226 31.10 12.97 -1.45
C GLY C 226 31.17 11.89 -0.41
N VAL C 227 30.52 12.17 0.72
CA VAL C 227 30.35 11.18 1.78
C VAL C 227 28.89 10.78 1.78
N TYR C 228 28.64 9.49 1.60
CA TYR C 228 27.29 8.94 1.62
C TYR C 228 26.99 8.40 3.02
N TYR C 229 25.86 8.79 3.59
CA TYR C 229 25.43 8.31 4.90
C TYR C 229 24.11 7.57 4.75
N CYS C 230 24.01 6.45 5.44
CA CYS C 230 22.73 5.83 5.64
C CYS C 230 22.20 6.25 7.01
N MET C 231 20.89 6.11 7.20
CA MET C 231 20.27 6.58 8.42
C MET C 231 18.96 5.85 8.53
N GLN C 232 18.51 5.61 9.76
CA GLN C 232 17.21 4.99 10.01
C GLN C 232 16.24 6.00 10.59
N GLY C 233 14.98 5.88 10.19
CA GLY C 233 13.98 6.83 10.59
C GLY C 233 12.84 6.12 11.28
N LEU C 234 13.17 4.97 11.89
CA LEU C 234 12.18 4.11 12.53
C LEU C 234 11.82 4.61 13.92
N GLN C 235 12.81 5.04 14.70
CA GLN C 235 12.57 5.38 16.09
C GLN C 235 13.67 6.30 16.60
N THR C 236 13.29 7.25 17.45
CA THR C 236 14.29 8.04 18.17
C THR C 236 15.11 7.13 19.09
N PRO C 237 16.42 7.35 19.20
CA PRO C 237 17.15 8.39 18.48
C PRO C 237 17.45 8.02 17.04
N LEU C 238 17.28 8.97 16.13
CA LEU C 238 17.66 8.73 14.75
C LEU C 238 19.18 8.61 14.67
N THR C 239 19.66 7.66 13.88
CA THR C 239 21.08 7.36 13.90
C THR C 239 21.60 7.20 12.48
N PHE C 240 22.84 7.60 12.28
CA PHE C 240 23.54 7.57 11.01
C PHE C 240 24.60 6.48 11.06
N GLY C 241 25.04 6.04 9.87
CA GLY C 241 26.27 5.32 9.76
C GLY C 241 27.42 6.29 9.61
N GLY C 242 28.64 5.76 9.63
CA GLY C 242 29.80 6.64 9.68
C GLY C 242 30.11 7.34 8.38
N GLY C 243 29.45 6.95 7.30
CA GLY C 243 29.67 7.55 6.00
C GLY C 243 30.66 6.76 5.16
N THR C 244 30.45 6.79 3.85
CA THR C 244 31.37 6.23 2.87
C THR C 244 31.84 7.37 1.97
N LYS C 245 33.16 7.54 1.89
CA LYS C 245 33.71 8.60 1.06
C LYS C 245 33.97 8.03 -0.33
N VAL C 246 33.22 8.54 -1.32
CA VAL C 246 33.38 8.14 -2.71
C VAL C 246 34.23 9.21 -3.39
N GLU C 247 35.35 8.81 -3.98
CA GLU C 247 36.25 9.75 -4.63
C GLU C 247 36.80 9.16 -5.92
N ILE C 248 37.28 10.05 -6.78
CA ILE C 248 37.85 9.69 -8.07
C ILE C 248 39.26 9.14 -7.86
N LYS C 249 39.54 7.95 -8.42
CA LYS C 249 40.82 7.26 -8.23
C LYS C 249 42.04 8.03 -8.75
N ASN D 1 -28.75 -12.63 29.64
CA ASN D 1 -27.57 -12.37 28.83
C ASN D 1 -27.12 -10.92 28.99
N LEU D 2 -25.98 -10.73 29.64
CA LEU D 2 -25.45 -9.40 29.87
C LEU D 2 -24.50 -9.02 28.75
N CYS D 3 -24.52 -7.72 28.39
CA CYS D 3 -23.88 -7.27 27.15
C CYS D 3 -22.37 -7.26 27.31
N PRO D 4 -21.64 -7.67 26.27
CA PRO D 4 -20.17 -7.76 26.33
C PRO D 4 -19.49 -6.39 26.22
N PHE D 5 -19.78 -5.52 27.19
CA PHE D 5 -19.07 -4.25 27.23
C PHE D 5 -17.62 -4.44 27.65
N GLY D 6 -17.32 -5.51 28.38
CA GLY D 6 -15.95 -5.75 28.84
C GLY D 6 -14.96 -5.88 27.69
N GLU D 7 -15.38 -6.49 26.58
CA GLU D 7 -14.43 -6.63 25.47
C GLU D 7 -14.25 -5.34 24.69
N VAL D 8 -15.06 -4.31 24.95
CA VAL D 8 -14.82 -2.99 24.39
C VAL D 8 -13.93 -2.19 25.34
N PHE D 9 -14.41 -1.97 26.56
CA PHE D 9 -13.67 -1.11 27.47
C PHE D 9 -12.33 -1.70 27.87
N ASN D 10 -12.28 -3.01 28.12
CA ASN D 10 -11.08 -3.65 28.64
C ASN D 10 -10.23 -4.29 27.56
N ALA D 11 -10.50 -4.01 26.28
CA ALA D 11 -9.66 -4.50 25.18
C ALA D 11 -8.21 -4.07 25.39
N THR D 12 -7.30 -5.02 25.21
CA THR D 12 -5.89 -4.72 25.41
C THR D 12 -5.33 -3.83 24.30
N ARG D 13 -5.82 -3.97 23.07
CA ARG D 13 -5.41 -3.12 21.95
C ARG D 13 -6.58 -2.21 21.56
N PHE D 14 -6.27 -0.95 21.25
CA PHE D 14 -7.29 -0.02 20.77
C PHE D 14 -6.89 0.50 19.39
N ALA D 15 -7.88 0.98 18.64
CA ALA D 15 -7.69 1.33 17.25
C ALA D 15 -7.19 2.77 17.10
N SER D 16 -6.33 3.00 16.10
CA SER D 16 -6.06 4.35 15.65
C SER D 16 -7.35 5.02 15.24
N VAL D 17 -7.46 6.32 15.52
CA VAL D 17 -8.75 6.99 15.38
C VAL D 17 -9.20 7.04 13.92
N TYR D 18 -8.26 7.14 12.97
CA TYR D 18 -8.64 7.15 11.56
C TYR D 18 -9.25 5.83 11.13
N ALA D 19 -8.80 4.73 11.72
CA ALA D 19 -9.39 3.41 11.47
C ALA D 19 -10.19 2.97 12.69
N TRP D 20 -11.16 3.79 13.10
CA TRP D 20 -11.83 3.58 14.38
C TRP D 20 -12.69 2.32 14.36
N ASN D 21 -12.55 1.51 15.41
CA ASN D 21 -13.25 0.23 15.52
C ASN D 21 -14.70 0.44 15.99
N ARG D 22 -15.61 -0.38 15.45
CA ARG D 22 -17.03 -0.32 15.80
C ARG D 22 -17.52 -1.71 16.17
N LYS D 23 -18.22 -1.82 17.30
CA LYS D 23 -18.76 -3.08 17.77
C LYS D 23 -20.27 -2.98 17.92
N ARG D 24 -21.01 -3.85 17.23
CA ARG D 24 -22.46 -3.87 17.37
C ARG D 24 -22.86 -4.69 18.59
N ILE D 25 -23.80 -4.14 19.34
CA ILE D 25 -24.29 -4.75 20.57
C ILE D 25 -25.76 -5.07 20.34
N SER D 26 -26.13 -6.34 20.53
CA SER D 26 -27.47 -6.75 20.18
C SER D 26 -27.93 -7.85 21.12
N ASN D 27 -29.25 -7.90 21.33
CA ASN D 27 -29.94 -8.93 22.11
C ASN D 27 -29.14 -9.35 23.36
N CYS D 28 -29.20 -8.48 24.37
CA CYS D 28 -28.60 -8.71 25.68
C CYS D 28 -29.12 -7.63 26.65
N VAL D 29 -28.71 -7.75 27.92
CA VAL D 29 -29.08 -6.81 28.96
C VAL D 29 -27.85 -6.04 29.41
N ALA D 30 -27.99 -4.73 29.56
CA ALA D 30 -26.88 -3.90 30.03
C ALA D 30 -27.33 -3.05 31.19
N ASP D 31 -26.49 -2.96 32.22
CA ASP D 31 -26.68 -2.00 33.30
C ASP D 31 -25.70 -0.87 33.05
N TYR D 32 -26.23 0.27 32.57
CA TYR D 32 -25.43 1.45 32.29
C TYR D 32 -25.09 2.24 33.54
N SER D 33 -25.77 1.98 34.66
CA SER D 33 -25.36 2.60 35.91
C SER D 33 -24.19 1.86 36.52
N VAL D 34 -24.16 0.53 36.38
CA VAL D 34 -22.96 -0.21 36.79
C VAL D 34 -21.79 0.21 35.94
N LEU D 35 -22.04 0.46 34.65
CA LEU D 35 -20.97 0.87 33.73
C LEU D 35 -20.41 2.23 34.09
N TYR D 36 -21.27 3.17 34.48
CA TYR D 36 -20.85 4.52 34.81
C TYR D 36 -19.86 4.53 35.95
N ASN D 37 -19.91 3.52 36.83
CA ASN D 37 -18.98 3.43 37.96
C ASN D 37 -18.03 2.23 37.84
N SER D 38 -17.89 1.66 36.63
CA SER D 38 -17.07 0.45 36.49
C SER D 38 -15.58 0.74 36.45
N ALA D 39 -15.17 1.97 36.19
CA ALA D 39 -13.75 2.30 36.13
C ALA D 39 -13.61 3.81 36.32
N SER D 40 -12.36 4.27 36.38
CA SER D 40 -12.09 5.70 36.50
C SER D 40 -12.18 6.33 35.11
N PHE D 41 -13.21 7.12 34.90
CA PHE D 41 -13.42 7.81 33.63
C PHE D 41 -13.16 9.30 33.81
N SER D 42 -12.33 9.85 32.93
CA SER D 42 -12.20 11.30 32.86
C SER D 42 -13.45 11.95 32.28
N THR D 43 -13.90 11.47 31.12
CA THR D 43 -15.06 12.02 30.45
C THR D 43 -16.15 10.96 30.41
N PHE D 44 -17.37 11.34 30.79
CA PHE D 44 -18.56 10.51 30.61
C PHE D 44 -19.74 11.48 30.41
N LYS D 45 -20.00 11.80 29.15
CA LYS D 45 -21.00 12.81 28.79
C LYS D 45 -22.04 12.15 27.89
N CYS D 46 -23.31 12.22 28.29
CA CYS D 46 -24.40 11.62 27.53
C CYS D 46 -25.29 12.71 26.95
N TYR D 47 -25.69 12.51 25.70
CA TYR D 47 -26.61 13.40 25.00
C TYR D 47 -27.92 12.67 24.75
N GLY D 48 -29.04 13.34 25.00
CA GLY D 48 -30.35 12.77 24.73
C GLY D 48 -30.84 11.78 25.77
N VAL D 49 -29.95 10.92 26.25
CA VAL D 49 -30.29 9.93 27.27
C VAL D 49 -29.34 10.12 28.44
N SER D 50 -29.72 9.54 29.58
CA SER D 50 -28.94 9.56 30.81
C SER D 50 -28.57 8.13 31.22
N PRO D 51 -27.45 7.95 31.93
CA PRO D 51 -27.13 6.59 32.42
C PRO D 51 -28.30 5.93 33.14
N THR D 52 -28.87 6.59 34.15
CA THR D 52 -30.03 6.00 34.83
C THR D 52 -31.23 5.92 33.91
N LYS D 53 -31.46 6.95 33.10
CA LYS D 53 -32.57 6.92 32.15
C LYS D 53 -32.41 5.80 31.12
N LEU D 54 -31.18 5.37 30.85
CA LEU D 54 -30.95 4.29 29.89
C LEU D 54 -31.33 2.94 30.48
N ASN D 55 -31.20 2.77 31.79
CA ASN D 55 -31.54 1.50 32.42
C ASN D 55 -33.00 1.13 32.25
N ASP D 56 -33.84 2.09 31.80
CA ASP D 56 -35.26 1.85 31.59
C ASP D 56 -35.66 1.93 30.12
N LEU D 57 -34.70 1.81 29.20
CA LEU D 57 -34.98 1.95 27.78
C LEU D 57 -34.54 0.70 27.00
N CYS D 58 -35.09 0.58 25.80
CA CYS D 58 -34.75 -0.51 24.89
C CYS D 58 -34.44 0.03 23.50
N PHE D 59 -33.58 -0.68 22.79
CA PHE D 59 -33.12 -0.20 21.50
C PHE D 59 -32.92 -1.37 20.56
N THR D 60 -33.03 -1.09 19.26
CA THR D 60 -32.73 -2.12 18.26
C THR D 60 -31.26 -2.48 18.29
N ASN D 61 -30.38 -1.48 18.22
CA ASN D 61 -28.94 -1.69 18.24
C ASN D 61 -28.24 -0.61 19.06
N VAL D 62 -27.15 -1.01 19.70
CA VAL D 62 -26.18 -0.10 20.30
C VAL D 62 -24.84 -0.36 19.62
N TYR D 63 -24.19 0.71 19.16
CA TYR D 63 -22.86 0.61 18.62
C TYR D 63 -21.84 1.15 19.63
N ALA D 64 -20.71 0.45 19.74
CA ALA D 64 -19.57 0.84 20.56
C ALA D 64 -18.39 1.16 19.63
N ASP D 65 -18.16 2.44 19.37
CA ASP D 65 -16.98 2.89 18.65
C ASP D 65 -15.88 3.21 19.64
N SER D 66 -14.64 2.87 19.29
CA SER D 66 -13.55 3.08 20.21
C SER D 66 -12.26 3.32 19.44
N PHE D 67 -11.37 4.12 20.03
CA PHE D 67 -10.16 4.61 19.37
C PHE D 67 -9.32 5.38 20.41
N VAL D 68 -8.13 5.77 19.99
CA VAL D 68 -7.21 6.53 20.83
C VAL D 68 -6.97 7.88 20.20
N ILE D 69 -7.14 8.94 21.00
CA ILE D 69 -6.75 10.29 20.63
C ILE D 69 -5.98 10.89 21.80
N ARG D 70 -5.59 12.15 21.67
CA ARG D 70 -4.87 12.76 22.77
C ARG D 70 -5.77 13.72 23.54
N GLY D 71 -5.32 14.06 24.75
CA GLY D 71 -6.21 14.61 25.75
C GLY D 71 -6.95 15.85 25.30
N ASP D 72 -6.23 16.78 24.66
CA ASP D 72 -6.89 18.03 24.29
C ASP D 72 -7.82 17.88 23.10
N GLU D 73 -7.92 16.69 22.50
CA GLU D 73 -8.89 16.47 21.43
C GLU D 73 -10.20 15.86 21.92
N VAL D 74 -10.28 15.39 23.16
CA VAL D 74 -11.46 14.64 23.58
C VAL D 74 -12.71 15.50 23.45
N ARG D 75 -12.55 16.83 23.52
CA ARG D 75 -13.69 17.73 23.36
C ARG D 75 -14.18 17.81 21.91
N GLN D 76 -13.44 17.24 20.96
CA GLN D 76 -13.95 17.13 19.59
C GLN D 76 -14.93 15.97 19.42
N ILE D 77 -14.94 15.02 20.34
CA ILE D 77 -15.90 13.91 20.26
C ILE D 77 -17.16 14.40 20.96
N ALA D 78 -17.95 15.17 20.22
CA ALA D 78 -19.20 15.76 20.69
C ALA D 78 -19.91 16.37 19.49
N PRO D 79 -21.23 16.51 19.55
CA PRO D 79 -21.96 17.04 18.39
C PRO D 79 -21.47 18.44 18.02
N GLY D 80 -21.38 18.70 16.71
CA GLY D 80 -21.12 20.04 16.24
C GLY D 80 -19.77 20.64 16.58
N GLN D 81 -18.74 19.83 16.79
CA GLN D 81 -17.39 20.32 16.96
C GLN D 81 -16.67 20.44 15.62
N THR D 82 -15.52 21.12 15.63
CA THR D 82 -14.59 21.21 14.51
C THR D 82 -13.17 20.98 15.03
N GLY D 83 -12.26 20.69 14.11
CA GLY D 83 -10.92 20.29 14.44
C GLY D 83 -10.49 19.09 13.63
N LYS D 84 -9.21 18.74 13.77
CA LYS D 84 -8.66 17.65 12.97
C LYS D 84 -9.42 16.35 13.19
N ILE D 85 -9.87 16.10 14.43
CA ILE D 85 -10.50 14.82 14.72
C ILE D 85 -11.95 14.80 14.23
N ALA D 86 -12.76 15.78 14.63
CA ALA D 86 -14.14 15.82 14.15
C ALA D 86 -14.23 15.94 12.62
N ASP D 87 -13.27 16.61 11.98
CA ASP D 87 -13.37 16.85 10.54
C ASP D 87 -12.88 15.66 9.71
N TYR D 88 -11.76 15.05 10.08
CA TYR D 88 -11.08 14.08 9.22
C TYR D 88 -10.95 12.68 9.82
N ASN D 89 -11.50 12.41 11.01
CA ASN D 89 -11.24 11.11 11.60
C ASN D 89 -12.53 10.47 12.15
N TYR D 90 -13.23 11.17 13.04
CA TYR D 90 -14.41 10.62 13.65
C TYR D 90 -15.36 11.76 13.91
N LYS D 91 -16.59 11.65 13.37
CA LYS D 91 -17.53 12.76 13.37
C LYS D 91 -18.85 12.33 13.96
N LEU D 92 -19.36 13.12 14.98
CA LEU D 92 -20.69 12.74 15.47
C LEU D 92 -21.78 13.57 14.78
N PRO D 93 -23.00 13.05 14.66
CA PRO D 93 -24.08 13.85 14.09
C PRO D 93 -24.52 14.95 15.06
N ASP D 94 -25.25 15.92 14.52
CA ASP D 94 -25.78 17.02 15.34
C ASP D 94 -26.83 16.52 16.33
N ASP D 95 -27.63 15.53 15.93
CA ASP D 95 -28.69 14.95 16.76
C ASP D 95 -28.24 13.66 17.44
N PHE D 96 -26.98 13.61 17.86
CA PHE D 96 -26.42 12.42 18.50
C PHE D 96 -27.20 12.01 19.74
N THR D 97 -27.64 10.77 19.78
CA THR D 97 -28.14 10.13 21.00
C THR D 97 -27.14 9.07 21.41
N GLY D 98 -26.48 9.30 22.54
CA GLY D 98 -25.52 8.32 23.02
C GLY D 98 -24.62 8.93 24.07
N CYS D 99 -23.57 8.20 24.40
CA CYS D 99 -22.67 8.60 25.45
C CYS D 99 -21.23 8.60 24.95
N VAL D 100 -20.47 9.62 25.34
CA VAL D 100 -19.04 9.68 25.03
C VAL D 100 -18.25 9.47 26.32
N ILE D 101 -17.40 8.46 26.29
CA ILE D 101 -16.65 7.98 27.45
C ILE D 101 -15.17 8.03 27.11
N ALA D 102 -14.37 8.63 28.00
CA ALA D 102 -12.95 8.76 27.75
C ALA D 102 -12.18 8.66 29.06
N TRP D 103 -10.98 8.08 29.00
CA TRP D 103 -10.10 8.00 30.15
C TRP D 103 -8.65 8.02 29.69
N ASN D 104 -7.81 8.64 30.51
CA ASN D 104 -6.37 8.69 30.28
C ASN D 104 -5.79 7.27 30.21
N SER D 105 -4.99 7.01 29.16
CA SER D 105 -4.36 5.70 28.97
C SER D 105 -2.85 5.83 28.88
N ASN D 106 -2.28 6.82 29.60
CA ASN D 106 -0.86 7.16 29.50
C ASN D 106 0.04 5.98 29.86
N ASN D 107 -0.37 5.16 30.82
CA ASN D 107 0.48 4.05 31.21
C ASN D 107 0.39 2.89 30.24
N LEU D 108 -0.59 2.86 29.36
CA LEU D 108 -0.72 1.77 28.40
C LEU D 108 -0.26 2.16 27.00
N ASP D 109 -0.46 3.41 26.60
CA ASP D 109 -0.27 3.80 25.22
C ASP D 109 0.94 4.71 25.00
N SER D 110 1.67 5.06 26.04
CA SER D 110 2.90 5.85 25.92
C SER D 110 4.12 4.95 25.96
N LYS D 111 5.21 5.46 25.41
CA LYS D 111 6.43 4.68 25.34
C LYS D 111 7.60 5.67 25.35
N VAL D 112 8.69 5.26 25.98
CA VAL D 112 9.90 6.06 25.96
C VAL D 112 10.49 6.00 24.55
N GLY D 113 10.75 7.17 23.98
CA GLY D 113 11.13 7.24 22.59
C GLY D 113 9.97 7.37 21.63
N GLY D 114 8.74 7.41 22.14
CA GLY D 114 7.55 7.55 21.32
C GLY D 114 6.88 6.23 20.95
N ASN D 115 5.54 6.21 21.00
CA ASN D 115 4.75 5.12 20.44
C ASN D 115 4.17 5.62 19.13
N TYR D 116 4.65 5.07 18.01
CA TYR D 116 4.25 5.56 16.71
C TYR D 116 3.10 4.77 16.09
N ASN D 117 2.47 3.88 16.86
CA ASN D 117 1.45 3.02 16.28
C ASN D 117 0.11 3.73 16.11
N TYR D 118 -0.15 4.77 16.90
CA TYR D 118 -1.44 5.45 16.81
C TYR D 118 -1.36 6.56 15.78
N LEU D 119 -2.25 6.54 14.81
CA LEU D 119 -2.25 7.52 13.74
C LEU D 119 -3.53 8.33 13.75
N TYR D 120 -3.47 9.47 13.09
CA TYR D 120 -4.64 10.26 12.80
C TYR D 120 -4.46 10.86 11.41
N ARG D 121 -5.57 11.18 10.75
CA ARG D 121 -5.50 11.70 9.39
C ARG D 121 -5.38 13.22 9.46
N LEU D 122 -4.35 13.75 8.82
CA LEU D 122 -4.02 15.17 8.85
C LEU D 122 -4.74 15.99 7.78
N PHE D 123 -5.00 15.41 6.61
CA PHE D 123 -5.59 16.10 5.47
C PHE D 123 -6.72 15.29 4.87
N ARG D 124 -7.74 15.99 4.37
CA ARG D 124 -8.77 15.35 3.57
C ARG D 124 -9.47 16.41 2.74
N LYS D 125 -9.86 16.05 1.52
CA LYS D 125 -10.46 17.03 0.63
C LYS D 125 -11.80 17.54 1.12
N SER D 126 -12.48 16.81 2.00
CA SER D 126 -13.75 17.27 2.54
C SER D 126 -13.98 16.65 3.90
N ASN D 127 -14.85 17.29 4.69
CA ASN D 127 -15.14 16.82 6.04
C ASN D 127 -15.88 15.48 6.02
N LEU D 128 -15.57 14.63 7.01
CA LEU D 128 -16.32 13.39 7.18
C LEU D 128 -17.79 13.66 7.45
N LYS D 129 -18.65 12.82 6.88
CA LYS D 129 -20.03 12.76 7.32
C LYS D 129 -20.08 12.06 8.68
N PRO D 130 -21.17 12.20 9.42
CA PRO D 130 -21.21 11.54 10.73
C PRO D 130 -21.14 10.02 10.57
N PHE D 131 -20.26 9.40 11.36
CA PHE D 131 -20.02 7.96 11.40
C PHE D 131 -19.39 7.41 10.13
N GLU D 132 -18.82 8.28 9.29
CA GLU D 132 -18.01 7.83 8.16
C GLU D 132 -16.61 7.44 8.64
N ARG D 133 -16.04 6.44 7.98
CA ARG D 133 -14.68 5.98 8.27
C ARG D 133 -13.87 5.97 6.97
N ASP D 134 -12.70 6.61 7.00
CA ASP D 134 -11.81 6.68 5.85
C ASP D 134 -10.48 6.06 6.23
N ILE D 135 -10.08 4.98 5.55
CA ILE D 135 -8.81 4.32 5.82
C ILE D 135 -7.87 4.37 4.61
N SER D 136 -8.13 5.26 3.66
CA SER D 136 -7.26 5.33 2.50
C SER D 136 -5.94 6.00 2.87
N THR D 137 -4.92 5.71 2.05
CA THR D 137 -3.57 6.23 2.22
C THR D 137 -3.12 6.99 0.97
N GLU D 138 -4.05 7.62 0.27
CA GLU D 138 -3.72 8.38 -0.93
C GLU D 138 -2.88 9.61 -0.58
N ILE D 139 -1.84 9.86 -1.38
CA ILE D 139 -1.06 11.08 -1.22
C ILE D 139 -1.94 12.30 -1.47
N TYR D 140 -1.96 13.21 -0.50
CA TYR D 140 -2.86 14.35 -0.53
C TYR D 140 -2.26 15.48 -1.38
N GLN D 141 -3.04 15.94 -2.36
CA GLN D 141 -2.58 16.99 -3.27
C GLN D 141 -2.89 18.33 -2.64
N ALA D 142 -1.88 18.94 -2.01
CA ALA D 142 -2.11 20.20 -1.32
C ALA D 142 -1.99 21.42 -2.22
N GLY D 143 -1.45 21.28 -3.43
CA GLY D 143 -1.31 22.38 -4.35
C GLY D 143 -1.86 22.01 -5.72
N SER D 144 -1.26 22.60 -6.76
CA SER D 144 -1.75 22.41 -8.12
C SER D 144 -1.12 21.23 -8.84
N THR D 145 0.03 20.76 -8.39
CA THR D 145 0.68 19.65 -9.06
C THR D 145 0.04 18.33 -8.64
N PRO D 146 -0.48 17.52 -9.56
CA PRO D 146 -0.98 16.21 -9.17
C PRO D 146 0.13 15.37 -8.56
N CYS D 147 -0.24 14.45 -7.66
CA CYS D 147 0.74 13.65 -6.93
C CYS D 147 1.03 12.31 -7.59
N ASN D 148 -0.02 11.63 -8.06
CA ASN D 148 0.13 10.36 -8.77
C ASN D 148 0.83 9.32 -7.90
N GLY D 149 0.51 9.32 -6.61
CA GLY D 149 1.04 8.31 -5.72
C GLY D 149 2.45 8.54 -5.26
N VAL D 150 2.97 9.76 -5.36
CA VAL D 150 4.35 10.03 -5.02
C VAL D 150 4.40 11.24 -4.12
N GLU D 151 5.03 11.08 -2.95
CA GLU D 151 5.35 12.19 -2.09
C GLU D 151 6.22 13.21 -2.82
N GLY D 152 6.08 14.46 -2.42
CA GLY D 152 6.90 15.51 -2.98
C GLY D 152 6.40 16.84 -2.46
N PHE D 153 6.90 17.90 -3.08
CA PHE D 153 6.46 19.24 -2.69
C PHE D 153 4.95 19.35 -2.79
N ASN D 154 4.31 19.75 -1.69
CA ASN D 154 2.86 19.90 -1.60
C ASN D 154 2.12 18.58 -1.87
N CYS D 155 2.78 17.45 -1.65
CA CYS D 155 2.20 16.12 -1.90
C CYS D 155 2.48 15.24 -0.68
N TYR D 156 1.49 15.12 0.22
CA TYR D 156 1.72 14.63 1.57
C TYR D 156 1.09 13.26 1.81
N PHE D 157 1.81 12.40 2.50
CA PHE D 157 1.17 11.26 3.11
C PHE D 157 0.17 11.75 4.14
N PRO D 158 -1.06 11.24 4.18
CA PRO D 158 -2.12 11.89 4.96
C PRO D 158 -2.28 11.44 6.41
N LEU D 159 -1.53 10.44 6.87
CA LEU D 159 -1.69 9.88 8.20
C LEU D 159 -0.44 10.17 9.00
N GLN D 160 -0.61 10.67 10.22
CA GLN D 160 0.50 11.13 11.03
C GLN D 160 0.42 10.51 12.42
N SER D 161 1.56 10.08 12.94
CA SER D 161 1.51 9.46 14.26
C SER D 161 1.45 10.54 15.36
N TYR D 162 1.15 10.10 16.58
CA TYR D 162 1.18 10.97 17.75
C TYR D 162 2.55 11.00 18.39
N GLY D 163 3.22 9.84 18.42
CA GLY D 163 4.49 9.74 19.14
C GLY D 163 4.37 9.85 20.65
N PHE D 164 3.24 9.41 21.22
CA PHE D 164 2.96 9.45 22.65
C PHE D 164 4.17 9.02 23.48
N GLN D 165 4.58 9.90 24.37
CA GLN D 165 5.71 9.80 25.28
C GLN D 165 5.21 10.01 26.71
N PRO D 166 5.64 9.19 27.67
CA PRO D 166 5.08 9.30 29.04
C PRO D 166 5.21 10.68 29.67
N THR D 167 6.26 11.42 29.36
CA THR D 167 6.50 12.70 30.01
C THR D 167 5.72 13.88 29.41
N ASN D 168 4.84 13.64 28.44
CA ASN D 168 4.12 14.75 27.82
C ASN D 168 3.14 15.37 28.79
N GLY D 169 2.78 16.63 28.51
CA GLY D 169 1.70 17.27 29.24
C GLY D 169 0.36 16.58 29.02
N VAL D 170 -0.52 16.72 30.01
CA VAL D 170 -1.73 15.91 30.03
C VAL D 170 -2.57 16.14 28.80
N GLY D 171 -2.52 17.34 28.23
CA GLY D 171 -3.25 17.58 26.99
C GLY D 171 -2.70 16.81 25.81
N TYR D 172 -1.45 16.36 25.89
CA TYR D 172 -0.80 15.65 24.80
C TYR D 172 -0.73 14.16 25.06
N GLN D 173 -1.35 13.68 26.15
CA GLN D 173 -1.30 12.28 26.55
C GLN D 173 -2.37 11.48 25.81
N PRO D 174 -2.15 10.18 25.61
CA PRO D 174 -3.17 9.36 24.96
C PRO D 174 -4.38 9.12 25.87
N TYR D 175 -5.57 9.25 25.28
CA TYR D 175 -6.81 8.92 25.95
C TYR D 175 -7.53 7.85 25.14
N ARG D 176 -7.97 6.79 25.80
CA ARG D 176 -8.86 5.84 25.15
C ARG D 176 -10.29 6.36 25.22
N VAL D 177 -11.00 6.24 24.10
CA VAL D 177 -12.36 6.73 23.95
C VAL D 177 -13.28 5.57 23.58
N VAL D 178 -14.51 5.63 24.08
CA VAL D 178 -15.57 4.73 23.66
C VAL D 178 -16.79 5.59 23.46
N VAL D 179 -17.45 5.43 22.32
CA VAL D 179 -18.67 6.18 22.03
C VAL D 179 -19.81 5.18 21.89
N LEU D 180 -20.72 5.19 22.85
CA LEU D 180 -21.94 4.41 22.73
C LEU D 180 -22.96 5.22 21.96
N SER D 181 -23.54 4.63 20.93
CA SER D 181 -24.68 5.24 20.23
C SER D 181 -25.87 4.28 20.24
N PHE D 182 -27.04 4.83 20.48
CA PHE D 182 -28.26 4.06 20.69
C PHE D 182 -29.24 4.40 19.58
N GLU D 183 -29.73 3.36 18.91
CA GLU D 183 -30.55 3.52 17.72
C GLU D 183 -31.82 2.70 17.89
N LEU D 184 -32.96 3.34 17.72
CA LEU D 184 -34.24 2.65 17.79
C LEU D 184 -34.85 2.68 16.39
N LEU D 185 -34.83 1.52 15.72
CA LEU D 185 -35.46 1.37 14.40
C LEU D 185 -36.91 0.93 14.58
N HIS D 186 -37.53 0.46 13.49
CA HIS D 186 -38.84 -0.17 13.56
C HIS D 186 -38.75 -1.69 13.73
N ALA D 187 -37.55 -2.21 13.98
CA ALA D 187 -37.34 -3.61 14.29
C ALA D 187 -37.49 -3.84 15.79
N PRO D 188 -37.52 -5.09 16.25
CA PRO D 188 -37.66 -5.34 17.69
C PRO D 188 -36.49 -4.78 18.50
N ALA D 189 -36.80 -4.36 19.73
CA ALA D 189 -35.84 -3.68 20.61
C ALA D 189 -35.27 -4.69 21.60
N THR D 190 -34.14 -5.29 21.22
CA THR D 190 -33.52 -6.40 21.94
C THR D 190 -32.39 -5.99 22.89
N VAL D 191 -31.99 -4.73 22.89
CA VAL D 191 -30.91 -4.23 23.76
C VAL D 191 -31.54 -3.38 24.83
N CYS D 192 -31.57 -3.88 26.08
CA CYS D 192 -32.36 -3.26 27.13
C CYS D 192 -31.55 -3.12 28.42
N GLY D 193 -31.96 -2.16 29.24
CA GLY D 193 -31.56 -2.12 30.63
C GLY D 193 -32.31 -3.14 31.45
N PRO D 194 -31.88 -3.31 32.71
CA PRO D 194 -32.41 -4.39 33.57
C PRO D 194 -33.66 -4.01 34.37
CA CA E . -9.57 -10.31 -8.49
C1 NAG F . 21.57 -7.06 -26.16
C2 NAG F . 22.63 -6.30 -26.96
C3 NAG F . 22.60 -6.75 -28.41
C4 NAG F . 23.09 -8.19 -28.51
C5 NAG F . 22.76 -9.04 -27.28
C6 NAG F . 23.96 -9.32 -26.39
C7 NAG F . 21.40 -4.16 -27.26
C8 NAG F . 21.49 -2.67 -27.10
N2 NAG F . 22.47 -4.84 -26.85
O3 NAG F . 23.43 -5.90 -29.20
O4 NAG F . 22.50 -8.81 -29.65
O5 NAG F . 21.71 -8.52 -26.44
O6 NAG F . 23.64 -10.27 -25.40
O7 NAG F . 20.40 -4.71 -27.72
CA CA G . 7.50 12.39 8.47
C1 NAG H . -13.41 -4.18 32.94
C2 NAG H . -14.79 -4.69 33.39
C3 NAG H . -15.11 -4.13 34.77
C4 NAG H . -14.04 -4.58 35.75
C5 NAG H . -12.65 -4.19 35.26
C6 NAG H . -11.55 -4.81 36.08
C7 NAG H . -16.24 -3.20 32.03
C8 NAG H . -17.37 -3.17 31.04
N2 NAG H . -15.85 -4.42 32.42
O3 NAG H . -16.39 -4.59 35.20
O4 NAG H . -14.27 -3.99 37.02
O5 NAG H . -12.42 -4.59 33.90
O6 NAG H . -10.27 -4.46 35.57
O7 NAG H . -15.72 -2.17 32.46
#